data_7Y1U
#
_entry.id   7Y1U
#
_cell.length_a   62.501
_cell.length_b   92.694
_cell.length_c   147.321
_cell.angle_alpha   90.000
_cell.angle_beta   90.000
_cell.angle_gamma   90.000
#
_symmetry.space_group_name_H-M   'P 21 21 21'
#
loop_
_entity.id
_entity.type
_entity.pdbx_description
1 polymer 'Isocitrate dehydrogenase [NADP]'
2 non-polymer 'NADP NICOTINAMIDE-ADENINE-DINUCLEOTIDE PHOSPHATE'
3 non-polymer 'MANGANESE (II) ION'
4 non-polymer 'SULFATE ION'
5 non-polymer 'TETRAETHYLENE GLYCOL'
6 non-polymer 1,2-ETHANEDIOL
7 water water
#
_entity_poly.entity_id   1
_entity_poly.type   'polypeptide(L)'
_entity_poly.pdbx_seq_one_letter_code
;MIIYTYTDEAPALATYSLYPIIKHFLEKASIDITTADISLAGRILANFPEYLNEDQKVKDYLQILGELTKKSDANIIKLP
NISASLPQLLDCIKELQDKGFKVPNYPNEPKDEKERLIKERYAKILGSAVNPVLREGNSIRRAAGAVKEYAKANPHSNGV
WNKNTKTKVCYMDGGDFYSNEKSKIFENSTNLEVEFIPKNGDKKLLKELNIQAGEVVDATFMSAKKLDEFIAKSIDLAKD
ESLLYSVHLKATMMKVSDPVIFGHFVKGFFDEVFTEFQGELKALGVNPNNGLGDLFIKIENSKLKDKILAKFDEIYASRP
SLSMVNSDKGITNLHVPSDVIIDASMPAMLRNSGRLWDKDAKEVEALAVIPDKSYAVVYEAMIKDLKENGTLDPSQIGSV
TNIGLMAKKAEEYGSHDKTFIIESDGQIIVNDSNGEEIFRFEVEKGDIFRMTQTKSEPIKNWVKLAFDRAKLTGEKAIFW
LDEKRAHDRNLIMLVKDELKKYDLKGFDYEILDPFSATLKTNQTIREGKNIISVTGNVLRDYLTDLYPILELGTSAKMLS
IVPLLNGGGMFETGAGGSAPKHVEQLVSENHLRWDSLGEFMALIVSLEHLGTQNAKILAKALDKAVSRFLKEDKSPKRRA
GEPDNRNSHFYLAMYFADELTKTELGNIYSDLALNLKNNEAKINDELLSVQGKSVDLGGYYKFDDEKASLVMRPSKTLND
IIN
;
_entity_poly.pdbx_strand_id   A
#
loop_
_chem_comp.id
_chem_comp.type
_chem_comp.name
_chem_comp.formula
EDO non-polymer 1,2-ETHANEDIOL 'C2 H6 O2'
MN non-polymer 'MANGANESE (II) ION' 'Mn 2'
NAP non-polymer 'NADP NICOTINAMIDE-ADENINE-DINUCLEOTIDE PHOSPHATE' 'C21 H28 N7 O17 P3'
PG4 non-polymer 'TETRAETHYLENE GLYCOL' 'C8 H18 O5'
SO4 non-polymer 'SULFATE ION' 'O4 S -2'
#
# COMPACT_ATOMS: atom_id res chain seq x y z
N MET A 1 13.01 11.11 21.35
CA MET A 1 12.46 9.71 21.30
C MET A 1 12.09 9.29 19.86
N ILE A 2 12.75 8.26 19.35
CA ILE A 2 12.43 7.59 18.06
C ILE A 2 11.43 6.45 18.34
N ILE A 3 10.31 6.44 17.64
CA ILE A 3 9.36 5.29 17.70
C ILE A 3 9.54 4.42 16.46
N TYR A 4 9.79 3.12 16.67
CA TYR A 4 9.91 2.07 15.63
C TYR A 4 8.58 1.28 15.64
N THR A 5 7.88 1.21 14.51
CA THR A 5 6.54 0.56 14.42
C THR A 5 6.72 -0.94 14.26
N TYR A 6 6.19 -1.73 15.20
CA TYR A 6 5.98 -3.19 15.03
C TYR A 6 4.68 -3.37 14.25
N THR A 7 4.72 -4.04 13.12
CA THR A 7 3.58 -4.10 12.16
C THR A 7 3.21 -5.57 11.89
N ASP A 8 3.18 -6.00 10.64
CA ASP A 8 2.61 -7.31 10.24
C ASP A 8 3.55 -8.08 9.29
N GLU A 9 3.38 -9.41 9.21
CA GLU A 9 3.94 -10.28 8.15
C GLU A 9 5.45 -10.01 8.00
N ALA A 10 5.95 -9.85 6.78
CA ALA A 10 7.41 -9.79 6.50
C ALA A 10 8.14 -8.77 7.41
N PRO A 11 7.80 -7.45 7.43
CA PRO A 11 8.56 -6.50 8.26
C PRO A 11 8.47 -6.84 9.75
N ALA A 12 7.35 -7.38 10.21
CA ALA A 12 7.21 -7.80 11.62
C ALA A 12 8.32 -8.83 11.93
N LEU A 13 8.51 -9.81 11.06
CA LEU A 13 9.50 -10.89 11.29
C LEU A 13 10.92 -10.31 11.23
N ALA A 14 11.29 -9.58 10.18
CA ALA A 14 12.55 -8.80 10.09
C ALA A 14 12.84 -8.06 11.40
N THR A 15 11.82 -7.43 11.98
CA THR A 15 11.99 -6.50 13.12
C THR A 15 12.48 -7.29 14.34
N TYR A 16 12.07 -8.56 14.48
CA TYR A 16 12.48 -9.50 15.56
C TYR A 16 14.00 -9.67 15.55
N SER A 17 14.63 -9.57 14.37
CA SER A 17 16.10 -9.67 14.16
C SER A 17 16.75 -8.30 14.22
N LEU A 18 16.16 -7.29 13.58
CA LEU A 18 16.83 -5.99 13.33
C LEU A 18 16.69 -5.06 14.52
N TYR A 19 15.54 -5.05 15.22
CA TYR A 19 15.30 -4.09 16.32
C TYR A 19 16.36 -4.27 17.41
N PRO A 20 16.59 -5.50 17.96
CA PRO A 20 17.61 -5.69 18.99
C PRO A 20 18.95 -5.08 18.56
N ILE A 21 19.32 -5.21 17.26
CA ILE A 21 20.54 -4.59 16.65
C ILE A 21 20.43 -3.05 16.68
N ILE A 22 19.45 -2.42 16.00
CA ILE A 22 19.21 -0.94 16.08
C ILE A 22 19.43 -0.53 17.55
N LYS A 23 18.70 -1.22 18.44
CA LYS A 23 18.65 -0.94 19.91
C LYS A 23 20.08 -0.96 20.48
N HIS A 24 20.84 -2.04 20.26
CA HIS A 24 22.23 -2.16 20.78
C HIS A 24 23.04 -0.90 20.44
N PHE A 25 22.94 -0.40 19.19
CA PHE A 25 23.75 0.72 18.64
C PHE A 25 23.27 2.05 19.19
N LEU A 26 21.95 2.26 19.32
CA LEU A 26 21.41 3.58 19.75
C LEU A 26 21.63 3.73 21.27
N GLU A 27 21.37 2.67 22.05
CA GLU A 27 21.58 2.63 23.53
C GLU A 27 23.02 3.05 23.82
N LYS A 28 24.00 2.45 23.13
CA LYS A 28 25.45 2.71 23.34
C LYS A 28 25.79 4.16 23.00
N ALA A 29 24.94 4.86 22.25
CA ALA A 29 25.14 6.29 21.90
C ALA A 29 24.14 7.15 22.68
N SER A 30 23.53 6.58 23.72
CA SER A 30 22.46 7.22 24.54
C SER A 30 21.42 7.87 23.61
N ILE A 31 20.88 7.12 22.65
CA ILE A 31 19.76 7.61 21.79
C ILE A 31 18.54 6.74 22.13
N ASP A 32 17.41 7.39 22.42
CA ASP A 32 16.19 6.72 22.95
C ASP A 32 15.38 6.17 21.77
N ILE A 33 14.92 4.93 21.87
CA ILE A 33 14.03 4.34 20.83
C ILE A 33 13.15 3.30 21.52
N THR A 34 11.90 3.18 21.08
CA THR A 34 10.96 2.13 21.50
C THR A 34 10.20 1.67 20.27
N THR A 35 9.30 0.72 20.46
CA THR A 35 8.42 0.13 19.43
C THR A 35 7.00 0.54 19.78
N ALA A 36 6.09 0.49 18.81
CA ALA A 36 4.64 0.65 19.04
C ALA A 36 3.91 -0.43 18.24
N ASP A 37 3.03 -1.22 18.87
CA ASP A 37 2.36 -2.37 18.22
C ASP A 37 1.11 -1.85 17.49
N ILE A 38 1.22 -1.61 16.18
CA ILE A 38 0.08 -1.17 15.31
C ILE A 38 -0.20 -2.31 14.34
N SER A 39 0.23 -3.53 14.70
CA SER A 39 -0.12 -4.79 13.97
C SER A 39 -1.64 -4.86 13.88
N LEU A 40 -2.21 -5.49 12.87
CA LEU A 40 -3.66 -5.76 12.84
C LEU A 40 -4.12 -6.48 14.13
N ALA A 41 -3.44 -7.53 14.59
CA ALA A 41 -3.78 -8.20 15.87
C ALA A 41 -3.76 -7.19 17.04
N GLY A 42 -2.72 -6.38 17.12
CA GLY A 42 -2.53 -5.46 18.24
C GLY A 42 -3.59 -4.40 18.23
N ARG A 43 -3.97 -3.92 17.04
CA ARG A 43 -5.02 -2.88 16.92
C ARG A 43 -6.34 -3.46 17.42
N ILE A 44 -6.63 -4.72 17.04
CA ILE A 44 -7.86 -5.43 17.47
C ILE A 44 -7.85 -5.59 19.01
N LEU A 45 -6.76 -6.11 19.56
CA LEU A 45 -6.67 -6.27 21.03
C LEU A 45 -6.89 -4.89 21.70
N ALA A 46 -6.18 -3.87 21.22
CA ALA A 46 -6.22 -2.52 21.83
C ALA A 46 -7.68 -2.01 21.84
N ASN A 47 -8.52 -2.51 20.94
CA ASN A 47 -9.89 -1.96 20.72
C ASN A 47 -10.95 -2.73 21.52
N PHE A 48 -10.64 -3.96 21.99
CA PHE A 48 -11.56 -4.82 22.78
C PHE A 48 -10.96 -5.21 24.12
N PRO A 49 -10.47 -4.24 24.94
CA PRO A 49 -9.80 -4.55 26.21
C PRO A 49 -10.72 -5.25 27.22
N GLU A 50 -12.02 -4.94 27.16
CA GLU A 50 -13.04 -5.37 28.16
C GLU A 50 -13.31 -6.86 28.02
N TYR A 51 -12.80 -7.51 26.96
CA TYR A 51 -12.89 -8.97 26.68
C TYR A 51 -11.62 -9.71 27.14
N LEU A 52 -10.61 -9.00 27.67
CA LEU A 52 -9.21 -9.52 27.77
C LEU A 52 -8.72 -9.60 29.22
N ASN A 53 -7.92 -10.62 29.54
CA ASN A 53 -7.09 -10.63 30.78
C ASN A 53 -6.13 -9.43 30.72
N GLU A 54 -5.61 -8.96 31.86
CA GLU A 54 -4.75 -7.74 31.94
C GLU A 54 -3.48 -7.89 31.09
N ASP A 55 -2.81 -9.04 31.20
CA ASP A 55 -1.55 -9.31 30.46
C ASP A 55 -1.84 -9.48 28.95
N GLN A 56 -3.09 -9.44 28.49
CA GLN A 56 -3.43 -9.61 27.06
C GLN A 56 -3.62 -8.24 26.41
N LYS A 57 -3.92 -7.22 27.23
CA LYS A 57 -4.31 -5.85 26.79
C LYS A 57 -3.16 -5.16 26.04
N VAL A 58 -3.53 -4.31 25.08
CA VAL A 58 -2.57 -3.56 24.25
C VAL A 58 -2.99 -2.10 24.28
N LYS A 59 -2.02 -1.20 24.49
CA LYS A 59 -2.21 0.28 24.43
C LYS A 59 -2.67 0.67 23.01
N ASP A 60 -3.57 1.64 22.89
CA ASP A 60 -4.04 2.16 21.59
C ASP A 60 -2.87 2.96 21.01
N TYR A 61 -1.89 2.28 20.41
CA TYR A 61 -0.67 2.89 19.83
C TYR A 61 -1.05 3.73 18.59
N LEU A 62 -2.17 3.44 17.94
CA LEU A 62 -2.63 4.25 16.78
C LEU A 62 -3.01 5.64 17.27
N GLN A 63 -3.61 5.71 18.46
CA GLN A 63 -4.09 6.96 19.10
C GLN A 63 -2.89 7.75 19.60
N ILE A 64 -1.96 7.04 20.21
CA ILE A 64 -0.72 7.61 20.78
C ILE A 64 0.10 8.24 19.65
N LEU A 65 0.32 7.52 18.56
CA LEU A 65 1.16 8.02 17.43
C LEU A 65 0.40 9.09 16.62
N GLY A 66 -0.91 8.94 16.46
CA GLY A 66 -1.78 10.00 15.89
C GLY A 66 -1.60 11.32 16.64
N GLU A 67 -1.63 11.28 17.98
CA GLU A 67 -1.37 12.47 18.81
C GLU A 67 0.04 12.99 18.51
N LEU A 68 1.01 12.08 18.49
CA LEU A 68 2.44 12.44 18.39
C LEU A 68 2.67 13.20 17.08
N THR A 69 2.01 12.84 15.98
CA THR A 69 2.23 13.47 14.65
C THR A 69 1.86 14.96 14.68
N LYS A 70 0.98 15.37 15.59
CA LYS A 70 0.55 16.78 15.74
C LYS A 70 1.47 17.56 16.70
N LYS A 71 2.36 16.88 17.43
CA LYS A 71 3.23 17.54 18.43
C LYS A 71 4.39 18.25 17.71
N SER A 72 4.92 19.28 18.36
CA SER A 72 5.86 20.25 17.74
C SER A 72 7.03 19.44 17.15
N ASP A 73 7.38 18.31 17.75
CA ASP A 73 8.40 17.37 17.21
C ASP A 73 8.06 15.92 17.58
N ALA A 74 8.21 15.06 16.57
CA ALA A 74 7.92 13.62 16.55
C ALA A 74 8.91 12.97 15.59
N ASN A 75 9.29 11.75 15.87
CA ASN A 75 10.29 10.99 15.08
C ASN A 75 9.76 9.57 14.99
N ILE A 76 9.04 9.26 13.90
CA ILE A 76 8.41 7.92 13.67
C ILE A 76 9.09 7.23 12.46
N ILE A 77 9.68 6.06 12.69
CA ILE A 77 10.03 5.10 11.62
C ILE A 77 8.82 4.17 11.39
N LYS A 78 8.15 4.33 10.25
CA LYS A 78 6.87 3.67 9.92
C LYS A 78 7.17 2.57 8.89
N LEU A 79 6.98 1.34 9.33
CA LEU A 79 7.12 0.11 8.52
C LEU A 79 5.76 -0.24 7.92
N PRO A 80 5.73 -0.95 6.78
CA PRO A 80 4.47 -1.29 6.12
C PRO A 80 3.58 -2.10 7.06
N ASN A 81 2.28 -1.83 7.02
CA ASN A 81 1.27 -2.53 7.86
C ASN A 81 0.00 -2.81 7.06
N ILE A 82 -0.73 -3.84 7.48
CA ILE A 82 -1.89 -4.40 6.74
C ILE A 82 -3.02 -3.40 6.76
N SER A 83 -3.56 -3.12 5.57
CA SER A 83 -4.90 -2.53 5.40
C SER A 83 -5.92 -3.67 5.17
N ALA A 84 -6.55 -4.12 6.24
CA ALA A 84 -7.25 -5.42 6.28
C ALA A 84 -8.50 -5.37 5.40
N SER A 85 -8.65 -6.36 4.53
CA SER A 85 -9.95 -6.82 4.01
C SER A 85 -10.70 -7.59 5.12
N LEU A 86 -12.03 -7.71 5.01
CA LEU A 86 -12.88 -8.46 5.97
C LEU A 86 -12.34 -9.86 6.17
N PRO A 87 -12.02 -10.61 5.09
CA PRO A 87 -11.49 -11.97 5.25
C PRO A 87 -10.20 -12.05 6.06
N GLN A 88 -9.40 -10.99 6.06
CA GLN A 88 -8.17 -10.91 6.89
C GLN A 88 -8.59 -10.59 8.33
N LEU A 89 -9.52 -9.66 8.53
CA LEU A 89 -10.02 -9.37 9.89
C LEU A 89 -10.64 -10.64 10.47
N LEU A 90 -11.55 -11.30 9.75
CA LEU A 90 -12.17 -12.58 10.17
C LEU A 90 -11.08 -13.62 10.52
N ASP A 91 -10.00 -13.71 9.74
CA ASP A 91 -8.90 -14.69 9.99
C ASP A 91 -8.09 -14.30 11.21
N CYS A 92 -7.87 -13.01 11.43
CA CYS A 92 -7.14 -12.49 12.63
C CYS A 92 -7.96 -12.74 13.89
N ILE A 93 -9.26 -12.40 13.89
CA ILE A 93 -10.21 -12.66 15.02
C ILE A 93 -10.11 -14.13 15.42
N LYS A 94 -10.32 -15.05 14.47
CA LYS A 94 -10.23 -16.52 14.64
C LYS A 94 -8.96 -16.86 15.43
N GLU A 95 -7.79 -16.54 14.84
CA GLU A 95 -6.41 -16.81 15.38
C GLU A 95 -6.30 -16.32 16.82
N LEU A 96 -6.85 -15.16 17.12
CA LEU A 96 -6.85 -14.64 18.51
C LEU A 96 -7.75 -15.55 19.38
N GLN A 97 -8.99 -15.82 18.97
CA GLN A 97 -9.96 -16.61 19.79
C GLN A 97 -9.29 -17.94 20.15
N ASP A 98 -8.78 -18.64 19.13
CA ASP A 98 -8.11 -19.97 19.22
C ASP A 98 -6.96 -19.89 20.26
N LYS A 99 -6.38 -18.71 20.49
CA LYS A 99 -5.24 -18.56 21.45
C LYS A 99 -5.74 -18.00 22.78
N GLY A 100 -7.05 -17.94 23.01
CA GLY A 100 -7.62 -17.50 24.31
C GLY A 100 -7.54 -16.00 24.52
N PHE A 101 -7.32 -15.23 23.47
CA PHE A 101 -7.74 -13.81 23.38
C PHE A 101 -9.22 -13.81 22.96
N LYS A 102 -10.11 -13.52 23.90
CA LYS A 102 -11.57 -13.80 23.78
C LYS A 102 -12.27 -12.59 23.18
N VAL A 103 -11.85 -12.17 21.98
CA VAL A 103 -12.47 -10.99 21.30
C VAL A 103 -13.74 -11.44 20.59
N PRO A 104 -14.73 -10.53 20.44
CA PRO A 104 -16.03 -10.88 19.88
C PRO A 104 -15.96 -11.19 18.37
N ASN A 105 -16.82 -12.08 17.90
CA ASN A 105 -17.09 -12.31 16.47
C ASN A 105 -17.49 -10.98 15.83
N TYR A 106 -17.10 -10.77 14.56
CA TYR A 106 -17.70 -9.79 13.63
C TYR A 106 -19.15 -10.21 13.38
N PRO A 107 -20.14 -9.40 13.80
CA PRO A 107 -21.51 -9.61 13.36
C PRO A 107 -21.79 -8.93 12.01
N ASN A 108 -21.94 -9.73 10.93
CA ASN A 108 -22.28 -9.25 9.57
C ASN A 108 -23.58 -8.48 9.64
N GLU A 109 -24.55 -9.02 10.41
CA GLU A 109 -25.89 -8.42 10.68
C GLU A 109 -26.16 -8.38 12.17
N PRO A 110 -25.79 -7.27 12.85
CA PRO A 110 -26.08 -7.11 14.27
C PRO A 110 -27.54 -7.34 14.69
N LYS A 111 -27.80 -8.16 15.72
CA LYS A 111 -29.16 -8.39 16.29
C LYS A 111 -29.57 -7.23 17.22
N ASP A 112 -28.70 -6.83 18.14
CA ASP A 112 -28.93 -5.78 19.19
C ASP A 112 -27.97 -4.60 18.93
N GLU A 113 -28.09 -3.53 19.71
CA GLU A 113 -27.21 -2.33 19.71
C GLU A 113 -25.81 -2.71 20.21
N LYS A 114 -25.69 -3.79 21.02
CA LYS A 114 -24.38 -4.34 21.50
C LYS A 114 -23.56 -4.81 20.29
N GLU A 115 -24.19 -5.63 19.43
CA GLU A 115 -23.60 -6.16 18.17
C GLU A 115 -23.48 -5.02 17.15
N ARG A 116 -24.26 -3.93 17.25
CA ARG A 116 -24.14 -2.78 16.31
C ARG A 116 -22.81 -2.08 16.60
N LEU A 117 -22.53 -1.81 17.87
CA LEU A 117 -21.33 -1.05 18.29
C LEU A 117 -20.07 -1.86 17.96
N ILE A 118 -20.13 -3.20 18.12
CA ILE A 118 -18.97 -4.11 17.86
C ILE A 118 -18.67 -4.11 16.35
N LYS A 119 -19.67 -4.01 15.48
CA LYS A 119 -19.46 -4.05 14.01
C LYS A 119 -18.81 -2.74 13.60
N GLU A 120 -19.16 -1.67 14.28
CA GLU A 120 -18.67 -0.31 13.99
C GLU A 120 -17.22 -0.16 14.48
N ARG A 121 -16.85 -0.83 15.57
CA ARG A 121 -15.44 -0.84 16.09
C ARG A 121 -14.51 -1.56 15.10
N TYR A 122 -14.92 -2.74 14.65
CA TYR A 122 -14.20 -3.54 13.63
C TYR A 122 -14.18 -2.79 12.29
N ALA A 123 -15.23 -2.07 11.91
CA ALA A 123 -15.29 -1.30 10.65
C ALA A 123 -14.21 -0.21 10.58
N LYS A 124 -13.86 0.40 11.73
CA LYS A 124 -12.80 1.45 11.88
C LYS A 124 -11.44 0.78 11.78
N ILE A 125 -11.35 -0.52 12.12
CA ILE A 125 -10.09 -1.32 12.07
C ILE A 125 -9.84 -1.78 10.64
N LEU A 126 -10.88 -2.06 9.86
CA LEU A 126 -10.74 -2.53 8.45
C LEU A 126 -10.10 -1.42 7.62
N GLY A 127 -9.46 -1.82 6.50
CA GLY A 127 -8.91 -0.88 5.51
C GLY A 127 -7.71 -0.14 6.05
N SER A 128 -7.38 0.99 5.46
CA SER A 128 -6.14 1.75 5.73
C SER A 128 -6.44 2.62 6.96
N ALA A 129 -6.40 1.99 8.13
CA ALA A 129 -6.75 2.59 9.43
C ALA A 129 -5.62 3.48 9.94
N VAL A 130 -4.37 3.20 9.56
CA VAL A 130 -3.17 3.74 10.23
C VAL A 130 -2.59 4.90 9.42
N ASN A 131 -2.29 4.64 8.15
CA ASN A 131 -1.57 5.58 7.26
C ASN A 131 -2.36 6.90 7.22
N PRO A 132 -3.69 6.94 6.96
CA PRO A 132 -4.37 8.24 6.86
C PRO A 132 -4.34 9.05 8.16
N VAL A 133 -4.12 8.42 9.32
CA VAL A 133 -4.08 9.11 10.64
C VAL A 133 -2.65 9.60 10.90
N LEU A 134 -1.63 8.81 10.49
CA LEU A 134 -0.19 9.15 10.68
C LEU A 134 0.26 10.22 9.67
N ARG A 135 -0.38 10.29 8.49
CA ARG A 135 0.01 11.16 7.36
C ARG A 135 -0.58 12.57 7.56
N GLU A 136 0.04 13.25 8.50
CA GLU A 136 -0.31 14.61 8.97
C GLU A 136 0.72 15.53 8.31
N GLY A 137 1.07 15.22 7.07
CA GLY A 137 2.19 15.75 6.27
C GLY A 137 2.10 15.27 4.82
N ASN A 138 2.72 15.94 3.86
CA ASN A 138 2.79 15.39 2.48
C ASN A 138 4.03 14.47 2.38
N SER A 139 4.39 14.04 1.18
CA SER A 139 5.26 12.85 0.94
C SER A 139 6.35 13.17 -0.06
N ILE A 140 7.61 12.93 0.31
CA ILE A 140 8.77 12.91 -0.63
C ILE A 140 9.26 11.47 -0.73
N ARG A 141 9.14 10.86 -1.92
CA ARG A 141 9.61 9.48 -2.20
C ARG A 141 10.61 9.54 -3.36
N ARG A 142 11.82 9.03 -3.15
CA ARG A 142 12.90 9.12 -4.16
C ARG A 142 13.92 8.03 -3.81
N ALA A 143 14.76 7.67 -4.77
CA ALA A 143 15.85 6.69 -4.60
C ALA A 143 17.12 7.47 -4.25
N ALA A 144 17.73 7.14 -3.13
CA ALA A 144 19.02 7.71 -2.71
C ALA A 144 20.04 7.34 -3.81
N GLY A 145 20.94 8.29 -4.15
CA GLY A 145 22.03 8.06 -5.12
C GLY A 145 22.59 6.64 -4.97
N ALA A 146 23.02 6.23 -3.77
CA ALA A 146 23.77 4.97 -3.57
C ALA A 146 22.91 3.77 -3.98
N VAL A 147 21.60 3.81 -3.70
CA VAL A 147 20.62 2.75 -4.06
C VAL A 147 20.41 2.72 -5.59
N LYS A 148 20.28 3.86 -6.25
CA LYS A 148 20.15 3.89 -7.73
C LYS A 148 21.41 3.28 -8.37
N GLU A 149 22.58 3.75 -7.97
CA GLU A 149 23.92 3.25 -8.42
C GLU A 149 24.02 1.72 -8.21
N TYR A 150 23.44 1.16 -7.13
CA TYR A 150 23.32 -0.31 -6.92
C TYR A 150 22.47 -0.96 -8.04
N ALA A 151 21.25 -0.47 -8.25
CA ALA A 151 20.38 -0.92 -9.35
C ALA A 151 21.18 -0.90 -10.66
N LYS A 152 21.87 0.20 -10.94
CA LYS A 152 22.59 0.35 -12.25
C LYS A 152 23.72 -0.68 -12.31
N ALA A 153 24.42 -0.91 -11.21
CA ALA A 153 25.59 -1.82 -11.14
C ALA A 153 25.09 -3.26 -11.11
N ASN A 154 23.90 -3.50 -10.58
CA ASN A 154 23.40 -4.89 -10.35
C ASN A 154 21.98 -4.98 -10.86
N PRO A 155 21.78 -4.91 -12.21
CA PRO A 155 20.47 -4.78 -12.83
C PRO A 155 19.60 -6.04 -12.81
N HIS A 156 18.35 -5.89 -12.39
CA HIS A 156 17.29 -6.92 -12.44
C HIS A 156 16.71 -6.96 -13.87
N SER A 157 15.87 -7.95 -14.18
CA SER A 157 15.19 -8.10 -15.48
C SER A 157 13.89 -7.28 -15.44
N ASN A 158 13.64 -6.45 -16.45
CA ASN A 158 12.30 -5.86 -16.63
C ASN A 158 11.62 -6.60 -17.80
N GLY A 159 12.02 -7.84 -18.07
CA GLY A 159 11.40 -8.72 -19.08
C GLY A 159 11.65 -8.21 -20.49
N VAL A 160 10.69 -8.45 -21.40
CA VAL A 160 10.81 -8.17 -22.87
C VAL A 160 9.47 -7.63 -23.37
N TRP A 161 9.51 -6.55 -24.16
CA TRP A 161 8.33 -5.75 -24.60
C TRP A 161 8.50 -5.36 -26.09
N ASN A 162 7.47 -5.62 -26.91
CA ASN A 162 7.53 -5.28 -28.37
C ASN A 162 6.09 -5.11 -28.90
N LYS A 163 5.96 -4.64 -30.15
CA LYS A 163 4.64 -4.42 -30.80
C LYS A 163 3.83 -5.73 -30.74
N ASN A 164 4.48 -6.88 -30.70
CA ASN A 164 3.85 -8.22 -30.58
C ASN A 164 3.32 -8.49 -29.16
N THR A 165 3.66 -7.71 -28.16
CA THR A 165 3.18 -7.97 -26.78
C THR A 165 1.70 -7.54 -26.76
N LYS A 166 0.80 -8.46 -26.44
CA LYS A 166 -0.66 -8.23 -26.64
C LYS A 166 -1.30 -7.79 -25.33
N THR A 167 -0.53 -7.66 -24.24
CA THR A 167 -0.96 -7.14 -22.91
C THR A 167 -1.59 -5.76 -23.10
N LYS A 168 -2.69 -5.49 -22.39
CA LYS A 168 -3.57 -4.31 -22.58
C LYS A 168 -4.29 -4.04 -21.28
N VAL A 169 -4.46 -2.78 -20.89
CA VAL A 169 -5.44 -2.41 -19.82
C VAL A 169 -6.80 -2.36 -20.49
N CYS A 170 -7.88 -2.52 -19.71
CA CYS A 170 -9.30 -2.32 -20.10
C CYS A 170 -9.99 -1.52 -19.00
N TYR A 171 -10.53 -0.33 -19.32
CA TYR A 171 -11.27 0.56 -18.38
C TYR A 171 -12.60 1.01 -18.99
N MET A 172 -13.58 1.27 -18.14
CA MET A 172 -14.93 1.76 -18.57
C MET A 172 -14.79 3.06 -19.38
N ASP A 173 -15.79 3.33 -20.20
CA ASP A 173 -15.93 4.56 -21.04
C ASP A 173 -17.29 5.19 -20.69
N GLY A 174 -17.32 6.14 -19.78
CA GLY A 174 -18.58 6.63 -19.21
C GLY A 174 -19.10 5.64 -18.19
N GLY A 175 -19.72 6.17 -17.12
CA GLY A 175 -20.29 5.34 -16.05
C GLY A 175 -19.39 5.29 -14.83
N ASP A 176 -18.12 5.69 -14.96
CA ASP A 176 -17.12 5.51 -13.88
C ASP A 176 -17.05 6.80 -13.08
N PHE A 177 -16.26 6.81 -11.99
CA PHE A 177 -16.08 7.98 -11.10
C PHE A 177 -15.58 9.22 -11.86
N TYR A 178 -14.66 9.01 -12.81
CA TYR A 178 -14.02 10.03 -13.68
C TYR A 178 -15.07 10.80 -14.50
N SER A 179 -15.94 10.06 -15.20
CA SER A 179 -17.07 10.59 -16.01
C SER A 179 -18.02 11.43 -15.15
N ASN A 180 -18.36 11.00 -13.92
CA ASN A 180 -19.52 11.57 -13.16
C ASN A 180 -19.01 12.58 -12.13
N GLU A 181 -17.72 12.88 -12.12
CA GLU A 181 -17.11 13.71 -11.04
C GLU A 181 -17.49 15.18 -11.25
N LYS A 182 -17.89 15.85 -10.17
CA LYS A 182 -18.07 17.32 -10.05
C LYS A 182 -17.17 17.82 -8.90
N SER A 183 -16.66 19.05 -8.93
CA SER A 183 -15.85 19.62 -7.81
C SER A 183 -16.16 21.09 -7.54
N LYS A 184 -15.81 21.59 -6.36
CA LYS A 184 -15.98 23.02 -6.01
C LYS A 184 -14.91 23.43 -5.01
N ILE A 185 -14.21 24.53 -5.28
CA ILE A 185 -13.40 25.26 -4.27
C ILE A 185 -14.37 26.06 -3.39
N PHE A 186 -14.10 26.15 -2.09
CA PHE A 186 -14.94 26.85 -1.10
C PHE A 186 -14.10 28.00 -0.53
N GLU A 187 -14.48 29.24 -0.84
CA GLU A 187 -13.77 30.46 -0.38
C GLU A 187 -14.10 30.71 1.11
N ASN A 188 -15.28 30.27 1.53
CA ASN A 188 -15.77 30.52 2.91
C ASN A 188 -16.19 29.21 3.54
N SER A 189 -16.08 29.12 4.87
CA SER A 189 -16.45 27.92 5.65
C SER A 189 -17.97 27.76 5.78
N THR A 190 -18.55 26.80 5.06
CA THR A 190 -19.99 26.48 5.15
C THR A 190 -20.15 25.01 5.57
N ASN A 191 -21.35 24.62 6.00
CA ASN A 191 -21.62 23.22 6.41
C ASN A 191 -22.48 22.57 5.32
N LEU A 192 -22.17 21.33 4.94
CA LEU A 192 -22.81 20.66 3.78
C LEU A 192 -23.78 19.61 4.32
N GLU A 193 -24.72 19.22 3.47
CA GLU A 193 -25.77 18.20 3.75
C GLU A 193 -25.90 17.34 2.52
N VAL A 194 -25.80 16.02 2.68
CA VAL A 194 -25.97 15.02 1.58
C VAL A 194 -27.28 14.26 1.83
N GLU A 195 -28.28 14.47 0.96
CA GLU A 195 -29.62 13.86 1.12
C GLU A 195 -29.95 13.06 -0.14
N PHE A 196 -30.45 11.84 0.07
CA PHE A 196 -30.97 10.91 -0.96
C PHE A 196 -32.47 11.20 -1.14
N ILE A 197 -32.98 11.09 -2.38
CA ILE A 197 -34.42 11.36 -2.74
C ILE A 197 -34.90 10.26 -3.69
N PRO A 198 -35.44 9.13 -3.18
CA PRO A 198 -35.85 8.01 -4.04
C PRO A 198 -37.18 8.30 -4.75
N LYS A 199 -37.24 8.00 -6.05
CA LYS A 199 -38.38 8.38 -6.94
C LYS A 199 -39.69 7.86 -6.34
N ASN A 200 -39.64 6.83 -5.48
CA ASN A 200 -40.69 6.54 -4.47
C ASN A 200 -40.02 6.10 -3.15
N GLY A 201 -40.37 6.77 -2.05
CA GLY A 201 -39.83 6.56 -0.70
C GLY A 201 -39.68 7.89 0.01
N ASP A 202 -39.17 7.89 1.25
CA ASP A 202 -38.81 9.12 1.99
C ASP A 202 -37.40 9.59 1.59
N LYS A 203 -37.17 10.91 1.69
CA LYS A 203 -35.84 11.57 1.64
C LYS A 203 -35.01 11.03 2.81
N LYS A 204 -33.67 11.10 2.75
CA LYS A 204 -32.75 10.65 3.83
C LYS A 204 -31.47 11.50 3.86
N LEU A 205 -31.09 11.97 5.05
CA LEU A 205 -29.83 12.72 5.31
C LEU A 205 -28.68 11.71 5.46
N LEU A 206 -27.92 11.48 4.38
CA LEU A 206 -26.84 10.46 4.30
C LEU A 206 -25.61 10.92 5.10
N LYS A 207 -25.24 12.20 5.00
CA LYS A 207 -24.02 12.78 5.61
C LYS A 207 -24.14 14.28 5.86
N GLU A 208 -23.47 14.74 6.92
CA GLU A 208 -23.20 16.16 7.27
C GLU A 208 -21.68 16.35 7.26
N LEU A 209 -21.17 17.45 6.71
CA LEU A 209 -19.71 17.72 6.65
C LEU A 209 -19.45 19.15 7.09
N ASN A 210 -18.48 19.38 7.99
CA ASN A 210 -17.84 20.72 8.17
C ASN A 210 -16.82 20.92 7.04
N ILE A 211 -17.02 21.96 6.22
CA ILE A 211 -16.05 22.44 5.19
C ILE A 211 -15.38 23.72 5.68
N GLN A 212 -14.06 23.85 5.49
CA GLN A 212 -13.31 25.06 5.95
C GLN A 212 -13.00 25.91 4.73
N ALA A 213 -12.55 27.14 4.98
CA ALA A 213 -12.16 28.10 3.92
C ALA A 213 -11.02 27.46 3.12
N GLY A 214 -11.19 27.28 1.80
CA GLY A 214 -10.14 26.84 0.87
C GLY A 214 -10.37 25.42 0.37
N GLU A 215 -11.18 24.61 1.07
CA GLU A 215 -11.30 23.15 0.82
C GLU A 215 -11.88 22.87 -0.58
N VAL A 216 -11.24 21.97 -1.32
CA VAL A 216 -11.85 21.34 -2.53
C VAL A 216 -12.65 20.12 -2.08
N VAL A 217 -13.96 20.14 -2.36
CA VAL A 217 -14.89 18.98 -2.22
C VAL A 217 -15.31 18.55 -3.63
N ASP A 218 -15.20 17.25 -3.94
CA ASP A 218 -15.73 16.63 -5.17
C ASP A 218 -16.87 15.69 -4.78
N ALA A 219 -17.68 15.31 -5.76
CA ALA A 219 -18.71 14.27 -5.60
C ALA A 219 -18.81 13.51 -6.90
N THR A 220 -19.05 12.21 -6.84
CA THR A 220 -19.20 11.35 -8.04
C THR A 220 -19.91 10.06 -7.69
N PHE A 221 -20.11 9.19 -8.67
CA PHE A 221 -20.75 7.86 -8.53
C PHE A 221 -20.30 7.00 -9.71
N MET A 222 -20.21 5.69 -9.51
CA MET A 222 -20.06 4.69 -10.60
C MET A 222 -21.42 4.00 -10.79
N SER A 223 -21.83 3.77 -12.04
CA SER A 223 -23.12 3.13 -12.41
C SER A 223 -22.96 1.61 -12.37
N ALA A 224 -23.76 0.95 -11.53
CA ALA A 224 -23.70 -0.51 -11.33
C ALA A 224 -23.96 -1.20 -12.65
N LYS A 225 -24.80 -0.59 -13.49
CA LYS A 225 -25.23 -1.16 -14.79
C LYS A 225 -24.10 -1.03 -15.82
N LYS A 226 -23.45 0.15 -15.88
CA LYS A 226 -22.31 0.38 -16.79
C LYS A 226 -21.17 -0.55 -16.35
N LEU A 227 -20.86 -0.59 -15.05
CA LEU A 227 -19.88 -1.53 -14.43
C LEU A 227 -20.20 -2.96 -14.87
N ASP A 228 -21.47 -3.38 -14.82
CA ASP A 228 -21.90 -4.79 -15.03
C ASP A 228 -21.78 -5.12 -16.51
N GLU A 229 -22.18 -4.18 -17.39
CA GLU A 229 -22.02 -4.31 -18.85
C GLU A 229 -20.52 -4.35 -19.18
N PHE A 230 -19.72 -3.45 -18.62
CA PHE A 230 -18.23 -3.36 -18.83
C PHE A 230 -17.55 -4.66 -18.43
N ILE A 231 -17.94 -5.25 -17.30
CA ILE A 231 -17.39 -6.54 -16.78
C ILE A 231 -17.68 -7.66 -17.81
N ALA A 232 -18.90 -7.71 -18.35
CA ALA A 232 -19.29 -8.73 -19.38
C ALA A 232 -18.46 -8.49 -20.65
N LYS A 233 -18.42 -7.25 -21.12
CA LYS A 233 -17.62 -6.80 -22.31
C LYS A 233 -16.16 -7.20 -22.06
N SER A 234 -15.62 -6.90 -20.87
CA SER A 234 -14.18 -7.12 -20.58
C SER A 234 -13.95 -8.62 -20.55
N ILE A 235 -14.93 -9.41 -20.07
CA ILE A 235 -14.80 -10.91 -20.04
C ILE A 235 -14.79 -11.45 -21.48
N ASP A 236 -15.66 -10.98 -22.37
CA ASP A 236 -15.76 -11.55 -23.74
C ASP A 236 -14.55 -11.10 -24.57
N LEU A 237 -14.03 -9.90 -24.38
CA LEU A 237 -12.76 -9.48 -25.05
C LEU A 237 -11.57 -10.36 -24.63
N ALA A 238 -11.46 -10.75 -23.34
CA ALA A 238 -10.42 -11.71 -22.87
C ALA A 238 -10.51 -13.02 -23.64
N LYS A 239 -11.69 -13.64 -23.67
CA LYS A 239 -11.91 -14.97 -24.32
C LYS A 239 -11.58 -14.87 -25.82
N ASP A 240 -12.08 -13.83 -26.50
CA ASP A 240 -11.86 -13.61 -27.96
C ASP A 240 -10.36 -13.63 -28.27
N GLU A 241 -9.59 -12.81 -27.56
CA GLU A 241 -8.16 -12.49 -27.87
C GLU A 241 -7.24 -13.42 -27.08
N SER A 242 -7.79 -14.42 -26.40
CA SER A 242 -7.01 -15.45 -25.65
C SER A 242 -6.10 -14.83 -24.58
N LEU A 243 -6.51 -13.71 -23.98
CA LEU A 243 -5.80 -13.07 -22.83
C LEU A 243 -6.32 -13.63 -21.52
N LEU A 244 -5.41 -13.86 -20.57
CA LEU A 244 -5.68 -14.21 -19.17
C LEU A 244 -6.42 -13.04 -18.50
N TYR A 245 -7.57 -13.32 -17.88
CA TYR A 245 -8.44 -12.33 -17.18
C TYR A 245 -7.83 -11.97 -15.81
N SER A 246 -7.39 -10.72 -15.65
CA SER A 246 -6.81 -10.15 -14.41
C SER A 246 -7.60 -8.90 -14.03
N VAL A 247 -7.84 -8.70 -12.73
CA VAL A 247 -8.64 -7.59 -12.16
C VAL A 247 -7.79 -6.92 -11.09
N HIS A 248 -7.59 -5.61 -11.20
CA HIS A 248 -6.65 -4.82 -10.33
C HIS A 248 -7.43 -3.71 -9.66
N LEU A 249 -7.79 -3.91 -8.39
CA LEU A 249 -8.55 -2.93 -7.59
C LEU A 249 -7.72 -2.51 -6.39
N LYS A 250 -8.33 -1.73 -5.49
CA LYS A 250 -7.76 -1.28 -4.21
C LYS A 250 -8.77 -1.57 -3.12
N ALA A 251 -9.26 -2.81 -3.05
CA ALA A 251 -10.22 -3.35 -2.05
C ALA A 251 -9.64 -3.34 -0.62
N THR A 252 -8.40 -2.90 -0.43
CA THR A 252 -7.81 -2.59 0.91
C THR A 252 -8.19 -1.18 1.38
N MET A 253 -7.53 -0.14 0.87
CA MET A 253 -7.71 1.25 1.35
C MET A 253 -9.12 1.72 0.99
N MET A 254 -9.58 1.39 -0.19
CA MET A 254 -10.92 1.80 -0.67
C MET A 254 -11.95 0.83 -0.09
N LYS A 255 -12.12 0.83 1.23
CA LYS A 255 -12.74 -0.29 1.99
C LYS A 255 -14.28 -0.32 1.81
N VAL A 256 -14.90 0.70 1.18
CA VAL A 256 -16.37 0.70 0.91
C VAL A 256 -16.60 0.38 -0.58
N SER A 257 -15.97 1.12 -1.49
CA SER A 257 -16.16 1.05 -2.97
C SER A 257 -15.67 -0.30 -3.52
N ASP A 258 -14.43 -0.66 -3.23
CA ASP A 258 -13.67 -1.64 -4.03
C ASP A 258 -14.12 -3.07 -3.70
N PRO A 259 -14.49 -3.45 -2.45
CA PRO A 259 -15.12 -4.75 -2.24
C PRO A 259 -16.46 -4.85 -3.00
N VAL A 260 -17.20 -3.74 -3.09
CA VAL A 260 -18.48 -3.70 -3.84
C VAL A 260 -18.14 -3.92 -5.32
N ILE A 261 -17.25 -3.10 -5.88
CA ILE A 261 -16.74 -3.32 -7.28
C ILE A 261 -16.26 -4.76 -7.39
N PHE A 262 -15.51 -5.26 -6.41
CA PHE A 262 -14.92 -6.62 -6.44
C PHE A 262 -16.03 -7.68 -6.52
N GLY A 263 -17.16 -7.46 -5.83
CA GLY A 263 -18.31 -8.40 -5.79
C GLY A 263 -19.01 -8.50 -7.13
N HIS A 264 -19.15 -7.37 -7.84
CA HIS A 264 -19.68 -7.34 -9.23
C HIS A 264 -18.82 -8.22 -10.14
N PHE A 265 -17.50 -8.10 -10.06
CA PHE A 265 -16.56 -8.99 -10.80
C PHE A 265 -16.84 -10.47 -10.44
N VAL A 266 -17.12 -10.78 -9.17
CA VAL A 266 -17.33 -12.20 -8.76
C VAL A 266 -18.72 -12.64 -9.26
N LYS A 267 -19.75 -11.81 -9.08
CA LYS A 267 -21.12 -12.08 -9.58
C LYS A 267 -21.05 -12.17 -11.10
N GLY A 268 -20.23 -11.34 -11.74
CA GLY A 268 -20.21 -11.21 -13.20
C GLY A 268 -19.53 -12.38 -13.86
N PHE A 269 -18.39 -12.78 -13.32
CA PHE A 269 -17.58 -13.90 -13.88
C PHE A 269 -18.38 -15.18 -13.67
N PHE A 270 -18.88 -15.40 -12.46
CA PHE A 270 -19.54 -16.66 -12.06
C PHE A 270 -21.06 -16.49 -12.03
N ASP A 271 -21.63 -15.86 -13.06
CA ASP A 271 -23.05 -15.38 -13.06
C ASP A 271 -24.02 -16.56 -12.95
N GLU A 272 -23.67 -17.75 -13.48
CA GLU A 272 -24.53 -18.96 -13.50
C GLU A 272 -24.61 -19.58 -12.10
N VAL A 273 -23.56 -19.44 -11.28
CA VAL A 273 -23.60 -19.90 -9.86
C VAL A 273 -24.56 -18.97 -9.10
N PHE A 274 -24.47 -17.65 -9.30
CA PHE A 274 -25.29 -16.67 -8.52
C PHE A 274 -26.74 -16.65 -9.03
N THR A 275 -27.09 -17.53 -9.97
CA THR A 275 -28.42 -17.68 -10.62
C THR A 275 -29.08 -18.98 -10.13
N GLU A 276 -28.36 -20.10 -10.27
CA GLU A 276 -28.78 -21.44 -9.83
C GLU A 276 -28.86 -21.49 -8.29
N PHE A 277 -28.08 -20.68 -7.58
CA PHE A 277 -27.91 -20.79 -6.11
C PHE A 277 -28.16 -19.46 -5.39
N GLN A 278 -28.93 -18.57 -6.01
CA GLN A 278 -29.19 -17.23 -5.43
C GLN A 278 -29.63 -17.40 -3.97
N GLY A 279 -30.67 -18.21 -3.74
CA GLY A 279 -31.32 -18.45 -2.44
C GLY A 279 -30.44 -19.27 -1.49
N GLU A 280 -29.79 -20.33 -1.98
CA GLU A 280 -28.90 -21.16 -1.13
C GLU A 280 -27.72 -20.30 -0.64
N LEU A 281 -27.11 -19.52 -1.52
CA LEU A 281 -25.95 -18.65 -1.18
C LEU A 281 -26.40 -17.58 -0.19
N LYS A 282 -27.55 -16.96 -0.42
CA LYS A 282 -28.11 -15.96 0.54
C LYS A 282 -28.27 -16.60 1.92
N ALA A 283 -28.92 -17.76 1.97
CA ALA A 283 -29.25 -18.49 3.24
C ALA A 283 -27.95 -18.87 3.95
N LEU A 284 -26.91 -19.27 3.22
CA LEU A 284 -25.57 -19.63 3.78
C LEU A 284 -24.79 -18.38 4.22
N GLY A 285 -25.32 -17.17 3.95
CA GLY A 285 -24.70 -15.87 4.30
C GLY A 285 -23.48 -15.57 3.43
N VAL A 286 -23.57 -15.80 2.12
CA VAL A 286 -22.48 -15.56 1.13
C VAL A 286 -22.64 -14.13 0.60
N ASN A 287 -21.65 -13.28 0.89
CA ASN A 287 -21.47 -11.93 0.29
C ASN A 287 -20.41 -12.09 -0.80
N PRO A 288 -20.72 -11.87 -2.09
CA PRO A 288 -19.71 -12.02 -3.15
C PRO A 288 -18.52 -11.07 -2.91
N ASN A 289 -18.78 -9.95 -2.25
CA ASN A 289 -17.77 -8.94 -1.87
C ASN A 289 -16.56 -9.59 -1.17
N ASN A 290 -16.71 -10.76 -0.55
CA ASN A 290 -15.63 -11.36 0.27
C ASN A 290 -14.74 -12.31 -0.55
N GLY A 291 -15.10 -12.62 -1.80
CA GLY A 291 -14.27 -13.48 -2.68
C GLY A 291 -14.69 -14.93 -2.62
N LEU A 292 -14.08 -15.78 -3.45
CA LEU A 292 -14.46 -17.21 -3.55
C LEU A 292 -14.10 -17.98 -2.27
N GLY A 293 -13.11 -17.49 -1.53
CA GLY A 293 -12.53 -18.20 -0.37
C GLY A 293 -13.56 -18.30 0.72
N ASP A 294 -14.23 -17.18 1.01
CA ASP A 294 -15.32 -17.09 2.01
C ASP A 294 -16.53 -17.92 1.52
N LEU A 295 -16.82 -17.92 0.22
CA LEU A 295 -17.92 -18.70 -0.41
C LEU A 295 -17.68 -20.19 -0.21
N PHE A 296 -16.46 -20.66 -0.52
CA PHE A 296 -16.12 -22.11 -0.44
C PHE A 296 -16.11 -22.54 1.04
N ILE A 297 -15.73 -21.64 1.95
CA ILE A 297 -15.82 -21.90 3.42
C ILE A 297 -17.30 -22.08 3.81
N LYS A 298 -18.22 -21.29 3.24
CA LYS A 298 -19.65 -21.21 3.63
C LYS A 298 -20.47 -22.34 2.99
N ILE A 299 -20.04 -22.90 1.87
CA ILE A 299 -20.74 -24.06 1.18
C ILE A 299 -20.10 -25.40 1.62
N GLU A 300 -19.18 -25.43 2.59
CA GLU A 300 -18.70 -26.73 3.17
C GLU A 300 -19.90 -27.48 3.74
N ASN A 301 -20.84 -26.75 4.36
CA ASN A 301 -22.10 -27.33 4.87
C ASN A 301 -23.25 -26.79 4.03
N SER A 302 -23.54 -27.47 2.92
CA SER A 302 -24.71 -27.27 2.02
C SER A 302 -25.00 -28.57 1.27
N LYS A 303 -26.26 -29.00 1.29
CA LYS A 303 -26.78 -30.16 0.51
C LYS A 303 -26.40 -29.98 -0.96
N LEU A 304 -26.20 -28.74 -1.42
CA LEU A 304 -25.93 -28.40 -2.85
C LEU A 304 -24.45 -28.11 -3.09
N LYS A 305 -23.55 -28.45 -2.14
CA LYS A 305 -22.09 -28.20 -2.21
C LYS A 305 -21.51 -28.68 -3.55
N ASP A 306 -21.60 -29.99 -3.84
CA ASP A 306 -20.98 -30.64 -5.03
C ASP A 306 -21.65 -30.13 -6.31
N LYS A 307 -22.96 -29.89 -6.26
CA LYS A 307 -23.69 -29.38 -7.45
C LYS A 307 -23.16 -27.95 -7.68
N ILE A 308 -22.89 -27.18 -6.62
CA ILE A 308 -22.29 -25.82 -6.74
C ILE A 308 -20.88 -25.92 -7.37
N LEU A 309 -20.08 -26.91 -6.98
CA LEU A 309 -18.66 -27.04 -7.42
C LEU A 309 -18.61 -27.48 -8.89
N ALA A 310 -19.48 -28.39 -9.31
CA ALA A 310 -19.57 -28.86 -10.70
C ALA A 310 -20.02 -27.68 -11.58
N LYS A 311 -20.82 -26.76 -11.04
CA LYS A 311 -21.27 -25.55 -11.80
C LYS A 311 -20.07 -24.61 -12.02
N PHE A 312 -19.23 -24.37 -11.01
CA PHE A 312 -17.98 -23.56 -11.16
C PHE A 312 -17.22 -24.11 -12.37
N ASP A 313 -16.91 -25.42 -12.33
CA ASP A 313 -16.10 -26.16 -13.33
C ASP A 313 -16.65 -25.92 -14.75
N GLU A 314 -17.97 -25.87 -14.88
CA GLU A 314 -18.70 -25.68 -16.16
C GLU A 314 -18.50 -24.23 -16.65
N ILE A 315 -18.39 -23.28 -15.72
CA ILE A 315 -18.18 -21.82 -15.98
C ILE A 315 -16.72 -21.56 -16.40
N TYR A 316 -15.76 -22.01 -15.59
CA TYR A 316 -14.31 -21.97 -15.91
C TYR A 316 -14.11 -22.41 -17.37
N ALA A 317 -14.83 -23.45 -17.80
CA ALA A 317 -14.71 -24.04 -19.16
C ALA A 317 -15.16 -23.05 -20.24
N SER A 318 -16.32 -22.39 -20.10
CA SER A 318 -16.86 -21.39 -21.08
C SER A 318 -16.12 -20.04 -20.99
N ARG A 319 -15.29 -19.82 -19.96
CA ARG A 319 -14.74 -18.48 -19.63
C ARG A 319 -13.27 -18.41 -20.06
N PRO A 320 -12.71 -17.18 -20.14
CA PRO A 320 -11.28 -17.01 -20.35
C PRO A 320 -10.52 -17.45 -19.09
N SER A 321 -9.28 -17.92 -19.24
CA SER A 321 -8.39 -18.29 -18.11
C SER A 321 -8.32 -17.13 -17.11
N LEU A 322 -8.46 -17.45 -15.83
CA LEU A 322 -8.43 -16.49 -14.71
C LEU A 322 -6.99 -16.45 -14.19
N SER A 323 -6.46 -15.24 -13.98
CA SER A 323 -5.18 -14.90 -13.32
C SER A 323 -5.17 -15.52 -11.91
N MET A 324 -4.15 -16.31 -11.57
CA MET A 324 -4.02 -16.98 -10.25
C MET A 324 -3.00 -16.23 -9.36
N VAL A 325 -3.30 -16.21 -8.07
CA VAL A 325 -2.40 -15.77 -6.96
C VAL A 325 -1.44 -16.94 -6.66
N ASN A 326 -2.01 -18.13 -6.52
CA ASN A 326 -1.29 -19.39 -6.20
C ASN A 326 -1.92 -20.56 -7.00
N SER A 327 -1.18 -21.08 -7.97
CA SER A 327 -1.64 -22.09 -8.95
C SER A 327 -1.81 -23.42 -8.21
N ASP A 328 -0.83 -23.78 -7.38
CA ASP A 328 -0.84 -25.03 -6.56
C ASP A 328 -2.10 -25.12 -5.71
N LYS A 329 -2.58 -24.02 -5.12
CA LYS A 329 -3.69 -24.08 -4.12
C LYS A 329 -5.02 -23.68 -4.78
N GLY A 330 -5.06 -23.46 -6.10
CA GLY A 330 -6.32 -23.07 -6.79
C GLY A 330 -6.86 -21.71 -6.34
N ILE A 331 -5.97 -20.86 -5.79
CA ILE A 331 -6.35 -19.50 -5.32
C ILE A 331 -6.28 -18.56 -6.52
N THR A 332 -7.38 -17.86 -6.81
CA THR A 332 -7.61 -17.03 -8.04
C THR A 332 -7.56 -15.53 -7.70
N ASN A 333 -7.52 -14.69 -8.74
CA ASN A 333 -7.56 -13.23 -8.51
C ASN A 333 -8.95 -12.86 -7.95
N LEU A 334 -9.80 -13.87 -7.67
CA LEU A 334 -11.16 -13.57 -7.13
C LEU A 334 -11.46 -14.36 -5.83
N HIS A 335 -10.46 -14.98 -5.23
CA HIS A 335 -10.57 -15.72 -3.93
C HIS A 335 -10.66 -14.75 -2.73
N VAL A 336 -9.82 -13.73 -2.63
CA VAL A 336 -9.73 -12.82 -1.45
C VAL A 336 -9.46 -11.41 -1.96
N PRO A 337 -10.26 -10.40 -1.61
CA PRO A 337 -10.13 -9.05 -2.19
C PRO A 337 -8.78 -8.30 -2.05
N SER A 338 -8.01 -8.64 -1.01
CA SER A 338 -6.73 -7.99 -0.62
C SER A 338 -5.54 -8.61 -1.38
N ASP A 339 -5.68 -9.77 -2.04
CA ASP A 339 -4.54 -10.54 -2.62
C ASP A 339 -3.93 -9.80 -3.83
N VAL A 340 -4.79 -9.30 -4.73
CA VAL A 340 -4.33 -8.52 -5.90
C VAL A 340 -4.68 -7.05 -5.67
N ILE A 341 -3.65 -6.25 -5.47
CA ILE A 341 -3.76 -4.78 -5.16
C ILE A 341 -2.96 -4.09 -6.24
N ILE A 342 -3.68 -3.32 -7.07
CA ILE A 342 -3.28 -2.64 -8.33
C ILE A 342 -1.86 -2.08 -8.23
N ASP A 343 -1.56 -1.36 -7.15
CA ASP A 343 -0.24 -0.68 -7.04
C ASP A 343 0.86 -1.75 -7.12
N ALA A 344 0.71 -2.90 -6.46
CA ALA A 344 1.77 -3.94 -6.46
C ALA A 344 1.63 -4.84 -7.69
N SER A 345 0.40 -5.15 -8.10
CA SER A 345 0.08 -6.21 -9.09
C SER A 345 0.41 -5.77 -10.53
N MET A 346 0.14 -4.52 -10.89
CA MET A 346 0.35 -4.06 -12.28
C MET A 346 1.83 -4.05 -12.62
N PRO A 347 2.74 -3.57 -11.74
CA PRO A 347 4.18 -3.55 -12.06
C PRO A 347 4.84 -4.94 -12.04
N ALA A 348 4.41 -5.85 -11.16
CA ALA A 348 4.90 -7.24 -11.23
C ALA A 348 4.53 -7.79 -12.61
N MET A 349 3.33 -7.47 -13.08
CA MET A 349 2.85 -7.88 -14.43
C MET A 349 3.80 -7.28 -15.47
N LEU A 350 4.05 -5.96 -15.41
CA LEU A 350 4.84 -5.23 -16.44
C LEU A 350 6.27 -5.78 -16.49
N ARG A 351 6.87 -6.04 -15.33
CA ARG A 351 8.26 -6.59 -15.24
C ARG A 351 8.32 -7.97 -15.90
N ASN A 352 7.30 -8.80 -15.68
CA ASN A 352 7.27 -10.21 -16.20
C ASN A 352 6.79 -10.25 -17.67
N SER A 353 7.10 -9.24 -18.48
CA SER A 353 6.83 -9.19 -19.94
C SER A 353 5.32 -9.13 -20.21
N GLY A 354 4.57 -8.45 -19.34
CA GLY A 354 3.09 -8.35 -19.40
C GLY A 354 2.39 -9.70 -19.25
N ARG A 355 3.09 -10.71 -18.72
CA ARG A 355 2.58 -12.08 -18.44
C ARG A 355 2.13 -12.16 -16.98
N LEU A 356 1.01 -12.84 -16.74
CA LEU A 356 0.60 -13.33 -15.40
C LEU A 356 0.40 -14.85 -15.50
N TRP A 357 -0.09 -15.50 -14.45
CA TRP A 357 -0.08 -16.99 -14.30
C TRP A 357 -1.51 -17.53 -14.36
N ASP A 358 -1.71 -18.70 -15.00
CA ASP A 358 -3.01 -19.45 -15.12
C ASP A 358 -3.01 -20.65 -14.18
N LYS A 359 -4.00 -21.52 -14.30
CA LYS A 359 -4.28 -22.66 -13.37
C LYS A 359 -3.04 -23.54 -13.25
N ASP A 360 -2.26 -23.63 -14.33
CA ASP A 360 -1.11 -24.56 -14.48
C ASP A 360 0.19 -23.76 -14.44
N ALA A 361 0.21 -22.59 -13.83
CA ALA A 361 1.42 -21.77 -13.59
C ALA A 361 2.12 -21.49 -14.92
N LYS A 362 1.37 -21.41 -16.02
CA LYS A 362 1.94 -21.02 -17.34
C LYS A 362 1.82 -19.51 -17.39
N GLU A 363 2.90 -18.82 -17.80
CA GLU A 363 2.93 -17.34 -17.87
C GLU A 363 2.26 -16.93 -19.19
N VAL A 364 1.28 -16.04 -19.14
CA VAL A 364 0.36 -15.76 -20.29
C VAL A 364 0.07 -14.25 -20.35
N GLU A 365 0.13 -13.65 -21.54
CA GLU A 365 -0.17 -12.20 -21.74
C GLU A 365 -1.60 -11.92 -21.27
N ALA A 366 -1.81 -10.76 -20.65
CA ALA A 366 -2.93 -10.51 -19.70
C ALA A 366 -3.76 -9.32 -20.16
N LEU A 367 -5.07 -9.42 -19.99
CA LEU A 367 -5.95 -8.26 -19.95
C LEU A 367 -6.01 -7.76 -18.50
N ALA A 368 -5.66 -6.49 -18.31
CA ALA A 368 -5.59 -5.78 -17.02
C ALA A 368 -6.84 -4.91 -16.90
N VAL A 369 -7.87 -5.46 -16.27
CA VAL A 369 -9.16 -4.77 -16.12
C VAL A 369 -9.03 -3.85 -14.91
N ILE A 370 -9.10 -2.53 -15.14
CA ILE A 370 -9.15 -1.46 -14.10
C ILE A 370 -10.38 -0.63 -14.43
N PRO A 371 -11.51 -0.79 -13.68
CA PRO A 371 -12.78 -0.19 -14.06
C PRO A 371 -12.69 1.31 -14.37
N ASP A 372 -12.20 2.10 -13.41
CA ASP A 372 -12.14 3.58 -13.52
C ASP A 372 -11.00 3.96 -14.49
N LYS A 373 -11.17 5.00 -15.29
CA LYS A 373 -10.12 5.41 -16.25
C LYS A 373 -9.12 6.37 -15.60
N SER A 374 -9.46 7.02 -14.48
CA SER A 374 -8.64 8.12 -13.91
C SER A 374 -7.16 7.73 -13.88
N TYR A 375 -6.82 6.53 -13.40
CA TYR A 375 -5.43 6.06 -13.14
C TYR A 375 -5.06 4.94 -14.11
N ALA A 376 -6.07 4.26 -14.67
CA ALA A 376 -5.88 3.24 -15.72
C ALA A 376 -5.04 3.81 -16.87
N VAL A 377 -5.31 5.06 -17.25
CA VAL A 377 -4.59 5.77 -18.36
C VAL A 377 -3.08 5.78 -18.06
N VAL A 378 -2.68 5.77 -16.79
CA VAL A 378 -1.22 5.76 -16.45
C VAL A 378 -0.58 4.46 -16.96
N TYR A 379 -1.23 3.31 -16.73
CA TYR A 379 -0.72 1.95 -17.12
C TYR A 379 -0.79 1.81 -18.65
N GLU A 380 -1.88 2.33 -19.25
CA GLU A 380 -2.07 2.39 -20.74
C GLU A 380 -0.83 3.01 -21.40
N ALA A 381 -0.50 4.25 -21.02
CA ALA A 381 0.68 5.02 -21.46
C ALA A 381 1.96 4.21 -21.27
N MET A 382 2.24 3.82 -20.03
CA MET A 382 3.37 2.91 -19.69
C MET A 382 3.36 1.74 -20.69
N ILE A 383 2.21 1.11 -20.96
CA ILE A 383 2.14 -0.12 -21.82
C ILE A 383 2.43 0.25 -23.29
N LYS A 384 1.80 1.30 -23.79
CA LYS A 384 2.08 1.86 -25.13
C LYS A 384 3.60 2.04 -25.27
N ASP A 385 4.25 2.72 -24.33
CA ASP A 385 5.67 3.16 -24.46
C ASP A 385 6.60 1.96 -24.35
N LEU A 386 6.27 0.93 -23.55
CA LEU A 386 7.07 -0.34 -23.54
C LEU A 386 6.99 -1.05 -24.91
N LYS A 387 5.85 -0.98 -25.59
CA LYS A 387 5.67 -1.67 -26.91
C LYS A 387 6.52 -0.94 -27.95
N GLU A 388 6.38 0.38 -28.03
CA GLU A 388 7.17 1.26 -28.94
C GLU A 388 8.67 1.08 -28.70
N ASN A 389 9.17 1.37 -27.50
CA ASN A 389 10.63 1.54 -27.23
C ASN A 389 11.26 0.36 -26.50
N GLY A 390 10.56 -0.75 -26.28
CA GLY A 390 11.07 -1.88 -25.47
C GLY A 390 11.03 -1.61 -23.97
N THR A 391 11.59 -2.50 -23.15
CA THR A 391 11.55 -2.37 -21.67
C THR A 391 12.44 -1.21 -21.23
N LEU A 392 12.21 -0.75 -19.99
CA LEU A 392 13.05 0.27 -19.33
C LEU A 392 14.23 -0.45 -18.68
N ASP A 393 15.42 0.00 -19.07
CA ASP A 393 16.70 -0.66 -18.79
C ASP A 393 17.20 -0.12 -17.45
N PRO A 394 17.13 -0.89 -16.34
CA PRO A 394 17.46 -0.39 -15.01
C PRO A 394 18.90 0.16 -14.97
N SER A 395 19.81 -0.43 -15.74
CA SER A 395 21.21 0.02 -15.83
C SER A 395 21.30 1.39 -16.50
N GLN A 396 20.30 1.82 -17.26
CA GLN A 396 20.37 3.05 -18.10
C GLN A 396 19.52 4.18 -17.54
N ILE A 397 18.32 3.89 -17.02
CA ILE A 397 17.26 4.94 -16.85
C ILE A 397 17.55 5.84 -15.64
N GLY A 398 17.06 7.06 -15.70
CA GLY A 398 17.10 7.99 -14.57
C GLY A 398 15.98 7.71 -13.58
N SER A 399 15.85 8.56 -12.57
CA SER A 399 15.09 8.25 -11.33
C SER A 399 13.92 9.21 -11.22
N VAL A 400 12.76 8.67 -10.85
CA VAL A 400 11.53 9.47 -10.63
C VAL A 400 11.43 9.73 -9.13
N THR A 401 11.48 11.00 -8.73
CA THR A 401 11.09 11.54 -7.40
C THR A 401 9.58 11.77 -7.44
N ASN A 402 8.87 11.55 -6.33
CA ASN A 402 7.41 11.81 -6.23
C ASN A 402 7.18 12.76 -5.06
N ILE A 403 6.44 13.82 -5.31
CA ILE A 403 5.99 14.75 -4.25
C ILE A 403 4.49 14.53 -4.20
N GLY A 404 4.01 13.82 -3.18
CA GLY A 404 2.63 13.31 -3.11
C GLY A 404 1.78 14.12 -2.16
N LEU A 405 0.62 14.57 -2.62
CA LEU A 405 -0.40 15.25 -1.77
C LEU A 405 -1.15 14.19 -0.93
N MET A 406 -0.98 14.26 0.41
CA MET A 406 -1.52 13.26 1.38
C MET A 406 -2.26 13.94 2.53
N ALA A 407 -1.73 15.05 3.06
CA ALA A 407 -1.99 15.49 4.46
C ALA A 407 -3.49 15.60 4.74
N LYS A 408 -3.90 15.05 5.88
CA LYS A 408 -5.27 15.16 6.44
C LYS A 408 -6.23 14.44 5.51
N LYS A 409 -5.92 13.19 5.18
CA LYS A 409 -6.83 12.28 4.44
C LYS A 409 -7.32 12.98 3.16
N ALA A 410 -6.38 13.44 2.35
CA ALA A 410 -6.66 14.12 1.06
C ALA A 410 -7.25 13.14 0.04
N GLU A 411 -8.21 13.61 -0.78
CA GLU A 411 -8.68 12.93 -2.00
C GLU A 411 -9.19 11.54 -1.60
N GLU A 412 -9.15 10.55 -2.49
CA GLU A 412 -9.97 9.32 -2.27
C GLU A 412 -9.57 8.60 -0.96
N TYR A 413 -8.52 8.99 -0.27
CA TYR A 413 -8.04 8.27 0.94
C TYR A 413 -8.84 8.70 2.18
N GLY A 414 -9.56 9.83 2.11
CA GLY A 414 -10.56 10.27 3.12
C GLY A 414 -12.00 10.06 2.70
N SER A 415 -12.29 9.19 1.72
CA SER A 415 -13.63 9.07 1.07
C SER A 415 -14.51 7.99 1.71
N HIS A 416 -13.98 7.22 2.64
CA HIS A 416 -14.65 5.98 3.12
C HIS A 416 -15.91 6.34 3.91
N ASP A 417 -15.82 7.33 4.80
CA ASP A 417 -16.96 7.86 5.60
C ASP A 417 -17.96 8.60 4.68
N LYS A 418 -17.58 9.00 3.46
CA LYS A 418 -18.41 9.77 2.50
C LYS A 418 -18.78 8.91 1.29
N THR A 419 -18.65 7.59 1.36
CA THR A 419 -19.05 6.63 0.28
C THR A 419 -20.32 5.90 0.75
N PHE A 420 -21.34 5.81 -0.13
CA PHE A 420 -22.68 5.19 0.15
C PHE A 420 -23.13 4.40 -1.08
N ILE A 421 -23.81 3.29 -0.84
CA ILE A 421 -24.45 2.50 -1.93
C ILE A 421 -25.93 2.86 -1.96
N ILE A 422 -26.40 3.25 -3.12
CA ILE A 422 -27.75 3.85 -3.31
C ILE A 422 -28.75 2.70 -3.16
N GLU A 423 -29.72 2.84 -2.24
CA GLU A 423 -30.63 1.77 -1.77
C GLU A 423 -31.64 1.45 -2.90
N SER A 424 -31.98 2.45 -3.70
CA SER A 424 -33.08 2.44 -4.72
C SER A 424 -32.92 3.62 -5.67
N ASP A 425 -33.36 3.46 -6.94
CA ASP A 425 -33.47 4.58 -7.93
C ASP A 425 -33.91 5.84 -7.19
N GLY A 426 -33.34 6.99 -7.57
CA GLY A 426 -33.47 8.25 -6.81
C GLY A 426 -32.46 9.27 -7.29
N GLN A 427 -32.18 10.27 -6.47
CA GLN A 427 -31.13 11.28 -6.74
C GLN A 427 -30.44 11.68 -5.44
N ILE A 428 -29.15 12.01 -5.53
CA ILE A 428 -28.40 12.68 -4.45
C ILE A 428 -28.48 14.18 -4.72
N ILE A 429 -28.70 14.97 -3.66
CA ILE A 429 -28.62 16.45 -3.63
C ILE A 429 -27.64 16.79 -2.50
N VAL A 430 -26.83 17.83 -2.66
CA VAL A 430 -25.84 18.29 -1.65
C VAL A 430 -26.03 19.79 -1.50
N ASN A 431 -26.19 20.28 -0.27
CA ASN A 431 -26.60 21.67 0.05
C ASN A 431 -25.69 22.22 1.13
N ASP A 432 -25.59 23.53 1.24
CA ASP A 432 -24.78 24.24 2.28
C ASP A 432 -25.69 24.79 3.40
N SER A 433 -25.14 25.64 4.27
CA SER A 433 -25.85 26.26 5.42
C SER A 433 -26.98 27.16 4.90
N ASN A 434 -26.68 28.00 3.89
CA ASN A 434 -27.65 28.89 3.19
C ASN A 434 -28.74 28.05 2.50
N GLY A 435 -28.38 26.87 1.99
CA GLY A 435 -29.30 25.93 1.33
C GLY A 435 -29.16 25.90 -0.19
N GLU A 436 -28.03 26.38 -0.75
CA GLU A 436 -27.73 26.32 -2.22
C GLU A 436 -27.46 24.87 -2.65
N GLU A 437 -28.05 24.43 -3.78
CA GLU A 437 -27.86 23.09 -4.39
C GLU A 437 -26.51 23.09 -5.14
N ILE A 438 -25.51 22.46 -4.53
CA ILE A 438 -24.07 22.48 -4.93
C ILE A 438 -23.83 21.34 -5.92
N PHE A 439 -24.32 20.14 -5.59
CA PHE A 439 -24.26 18.97 -6.51
C PHE A 439 -25.65 18.36 -6.62
N ARG A 440 -25.91 17.67 -7.73
CA ARG A 440 -27.09 16.78 -7.95
C ARG A 440 -26.66 15.64 -8.87
N PHE A 441 -27.14 14.43 -8.61
CA PHE A 441 -26.87 13.20 -9.41
C PHE A 441 -28.18 12.41 -9.51
N GLU A 442 -28.55 12.03 -10.71
CA GLU A 442 -29.54 10.95 -10.99
C GLU A 442 -28.79 9.62 -10.79
N VAL A 443 -29.08 8.92 -9.69
CA VAL A 443 -28.43 7.62 -9.34
C VAL A 443 -29.46 6.48 -9.40
N GLU A 444 -28.97 5.24 -9.42
CA GLU A 444 -29.77 4.01 -9.54
C GLU A 444 -29.41 3.04 -8.39
N LYS A 445 -30.21 1.99 -8.23
CA LYS A 445 -29.95 0.90 -7.24
C LYS A 445 -28.59 0.27 -7.55
N GLY A 446 -27.75 0.11 -6.51
CA GLY A 446 -26.41 -0.47 -6.56
C GLY A 446 -25.33 0.59 -6.84
N ASP A 447 -25.70 1.83 -7.17
CA ASP A 447 -24.71 2.86 -7.61
C ASP A 447 -23.79 3.20 -6.43
N ILE A 448 -22.50 3.38 -6.72
CA ILE A 448 -21.45 3.69 -5.70
C ILE A 448 -21.25 5.21 -5.67
N PHE A 449 -21.83 5.89 -4.69
CA PHE A 449 -21.73 7.37 -4.58
C PHE A 449 -20.57 7.70 -3.66
N ARG A 450 -19.82 8.74 -3.98
CA ARG A 450 -18.63 9.13 -3.19
C ARG A 450 -18.36 10.63 -3.25
N MET A 451 -17.80 11.16 -2.17
CA MET A 451 -17.23 12.53 -2.12
C MET A 451 -15.83 12.51 -1.49
N THR A 452 -15.13 13.64 -1.61
CA THR A 452 -13.70 13.82 -1.24
C THR A 452 -13.49 15.23 -0.67
N GLN A 453 -12.53 15.34 0.24
CA GLN A 453 -12.08 16.61 0.82
C GLN A 453 -10.57 16.68 0.69
N THR A 454 -10.09 17.73 0.05
CA THR A 454 -8.67 18.14 0.04
C THR A 454 -8.65 19.58 0.53
N LYS A 455 -7.91 19.87 1.60
CA LYS A 455 -7.85 21.22 2.27
C LYS A 455 -6.70 22.07 1.70
N SER A 456 -6.63 23.35 2.07
CA SER A 456 -5.79 24.37 1.39
C SER A 456 -4.35 24.25 1.90
N GLU A 457 -4.13 24.12 3.21
CA GLU A 457 -2.75 23.97 3.77
C GLU A 457 -2.08 22.71 3.16
N PRO A 458 -2.71 21.50 3.15
CA PRO A 458 -2.18 20.38 2.38
C PRO A 458 -1.72 20.73 0.95
N ILE A 459 -2.61 21.37 0.19
CA ILE A 459 -2.33 21.75 -1.23
C ILE A 459 -1.17 22.75 -1.25
N LYS A 460 -1.16 23.72 -0.35
CA LYS A 460 -0.19 24.84 -0.39
C LYS A 460 1.19 24.27 -0.05
N ASN A 461 1.25 23.45 0.99
CA ASN A 461 2.49 22.76 1.45
C ASN A 461 3.09 21.89 0.34
N TRP A 462 2.23 21.13 -0.33
CA TRP A 462 2.56 20.14 -1.39
C TRP A 462 3.25 20.85 -2.56
N VAL A 463 2.86 22.08 -2.84
CA VAL A 463 3.51 22.92 -3.88
C VAL A 463 4.91 23.32 -3.37
N LYS A 464 5.02 23.78 -2.13
CA LYS A 464 6.31 24.22 -1.56
C LYS A 464 7.32 23.07 -1.69
N LEU A 465 6.91 21.82 -1.42
CA LEU A 465 7.85 20.67 -1.44
C LEU A 465 8.41 20.46 -2.85
N ALA A 466 7.55 20.51 -3.86
CA ALA A 466 7.88 20.31 -5.27
C ALA A 466 8.76 21.47 -5.74
N PHE A 467 8.36 22.70 -5.43
CA PHE A 467 9.19 23.89 -5.75
C PHE A 467 10.58 23.70 -5.16
N ASP A 468 10.66 23.55 -3.84
CA ASP A 468 11.93 23.51 -3.05
C ASP A 468 12.82 22.36 -3.54
N ARG A 469 12.24 21.20 -3.87
CA ARG A 469 12.99 20.01 -4.30
C ARG A 469 13.54 20.24 -5.71
N ALA A 470 12.79 20.95 -6.56
CA ALA A 470 13.19 21.28 -7.95
C ALA A 470 14.29 22.35 -7.96
N LYS A 471 14.25 23.32 -7.04
CA LYS A 471 15.30 24.36 -6.86
C LYS A 471 16.54 23.67 -6.36
N LEU A 472 16.38 22.68 -5.50
CA LEU A 472 17.54 21.97 -4.91
C LEU A 472 18.27 21.23 -6.04
N THR A 473 17.57 20.44 -6.88
CA THR A 473 18.19 19.44 -7.79
C THR A 473 18.29 19.92 -9.26
N GLY A 474 17.53 20.95 -9.68
CA GLY A 474 17.46 21.39 -11.08
C GLY A 474 16.52 20.57 -11.98
N GLU A 475 15.97 19.44 -11.50
CA GLU A 475 15.16 18.48 -12.29
C GLU A 475 13.85 19.14 -12.71
N LYS A 476 13.33 18.66 -13.83
CA LYS A 476 12.02 19.05 -14.38
C LYS A 476 10.95 18.50 -13.43
N ALA A 477 9.89 19.26 -13.17
CA ALA A 477 8.79 18.85 -12.26
C ALA A 477 7.48 18.95 -13.02
N ILE A 478 6.79 17.82 -13.17
CA ILE A 478 5.46 17.68 -13.83
C ILE A 478 4.40 17.47 -12.74
N PHE A 479 3.42 18.37 -12.71
CA PHE A 479 2.16 18.21 -11.96
C PHE A 479 1.25 17.33 -12.81
N TRP A 480 1.00 16.08 -12.40
CA TRP A 480 0.10 15.14 -13.12
C TRP A 480 -1.34 15.55 -12.81
N LEU A 481 -1.99 16.30 -13.70
CA LEU A 481 -3.32 16.92 -13.43
C LEU A 481 -4.15 16.95 -14.71
N ASP A 482 -5.30 16.29 -14.70
CA ASP A 482 -6.15 16.06 -15.88
C ASP A 482 -7.18 17.19 -15.95
N GLU A 483 -7.02 18.14 -16.88
CA GLU A 483 -7.97 19.26 -17.06
C GLU A 483 -9.35 18.70 -17.41
N LYS A 484 -9.47 17.43 -17.88
CA LYS A 484 -10.77 16.74 -18.17
C LYS A 484 -11.43 16.16 -16.90
N ARG A 485 -10.89 16.42 -15.69
CA ARG A 485 -11.47 16.07 -14.36
C ARG A 485 -11.70 17.37 -13.61
N ALA A 486 -12.84 17.48 -12.96
CA ALA A 486 -13.22 18.72 -12.24
C ALA A 486 -12.29 18.91 -11.03
N HIS A 487 -12.03 17.81 -10.32
CA HIS A 487 -11.14 17.83 -9.13
C HIS A 487 -9.80 18.38 -9.55
N ASP A 488 -9.24 17.82 -10.62
CA ASP A 488 -7.89 18.20 -11.08
C ASP A 488 -7.95 19.67 -11.50
N ARG A 489 -8.95 20.07 -12.30
CA ARG A 489 -9.07 21.46 -12.84
C ARG A 489 -9.02 22.44 -11.67
N ASN A 490 -9.69 22.12 -10.55
CA ASN A 490 -9.61 22.96 -9.32
C ASN A 490 -8.18 22.96 -8.73
N LEU A 491 -7.41 21.87 -8.85
CA LEU A 491 -6.04 21.85 -8.27
C LEU A 491 -5.12 22.74 -9.12
N ILE A 492 -5.29 22.67 -10.46
CA ILE A 492 -4.53 23.52 -11.42
C ILE A 492 -4.71 25.00 -11.02
N MET A 493 -5.95 25.46 -10.86
CA MET A 493 -6.21 26.86 -10.42
C MET A 493 -5.49 27.11 -9.10
N LEU A 494 -5.49 26.16 -8.17
CA LEU A 494 -4.90 26.36 -6.82
C LEU A 494 -3.37 26.33 -6.87
N VAL A 495 -2.74 25.47 -7.69
CA VAL A 495 -1.27 25.45 -7.95
C VAL A 495 -0.88 26.79 -8.61
N LYS A 496 -1.51 27.09 -9.74
CA LYS A 496 -1.32 28.38 -10.47
C LYS A 496 -1.40 29.54 -9.45
N ASP A 497 -2.48 29.63 -8.67
CA ASP A 497 -2.64 30.68 -7.63
C ASP A 497 -1.42 30.70 -6.70
N GLU A 498 -1.01 29.53 -6.20
CA GLU A 498 0.05 29.44 -5.16
C GLU A 498 1.41 29.77 -5.79
N LEU A 499 1.68 29.36 -7.03
CA LEU A 499 2.98 29.61 -7.72
C LEU A 499 3.15 31.12 -7.99
N LYS A 500 2.05 31.90 -8.03
CA LYS A 500 2.13 33.38 -8.18
C LYS A 500 2.83 34.00 -6.96
N LYS A 501 2.99 33.27 -5.85
CA LYS A 501 3.72 33.72 -4.62
C LYS A 501 5.22 33.44 -4.74
N TYR A 502 5.63 32.57 -5.67
CA TYR A 502 7.01 32.02 -5.80
C TYR A 502 7.73 32.66 -7.00
N ASP A 503 9.07 32.75 -6.92
CA ASP A 503 9.98 33.15 -8.02
C ASP A 503 10.15 31.96 -8.97
N LEU A 504 9.45 31.95 -10.11
CA LEU A 504 9.40 30.79 -11.06
C LEU A 504 10.54 30.85 -12.07
N LYS A 505 11.54 31.70 -11.82
CA LYS A 505 12.85 31.71 -12.52
C LYS A 505 13.69 30.56 -11.94
N GLY A 506 14.11 29.60 -12.78
CA GLY A 506 14.88 28.42 -12.35
C GLY A 506 13.99 27.19 -12.19
N PHE A 507 12.68 27.39 -12.04
CA PHE A 507 11.70 26.33 -11.74
C PHE A 507 11.19 25.72 -13.05
N ASP A 508 11.88 24.73 -13.59
CA ASP A 508 11.42 24.02 -14.81
C ASP A 508 10.23 23.12 -14.44
N TYR A 509 9.01 23.49 -14.86
CA TYR A 509 7.75 22.77 -14.53
C TYR A 509 6.78 22.77 -15.72
N GLU A 510 6.07 21.66 -15.91
CA GLU A 510 4.93 21.54 -16.85
C GLU A 510 3.69 21.17 -16.03
N ILE A 511 2.52 21.17 -16.66
CA ILE A 511 1.26 20.52 -16.16
C ILE A 511 0.75 19.57 -17.24
N LEU A 512 0.72 18.27 -16.95
CA LEU A 512 0.28 17.26 -17.94
C LEU A 512 -0.76 16.33 -17.31
N ASP A 513 -1.77 15.96 -18.08
CA ASP A 513 -2.72 14.86 -17.78
C ASP A 513 -1.92 13.59 -17.52
N PRO A 514 -2.35 12.72 -16.60
CA PRO A 514 -1.56 11.53 -16.26
C PRO A 514 -1.03 10.75 -17.46
N PHE A 515 -1.83 10.64 -18.51
CA PHE A 515 -1.46 9.90 -19.74
C PHE A 515 -0.20 10.56 -20.29
N SER A 516 -0.26 11.86 -20.58
CA SER A 516 0.84 12.66 -21.18
C SER A 516 2.04 12.73 -20.21
N ALA A 517 1.77 12.96 -18.92
CA ALA A 517 2.79 13.01 -17.86
C ALA A 517 3.59 11.72 -17.82
N THR A 518 2.96 10.57 -18.05
CA THR A 518 3.64 9.25 -18.09
C THR A 518 4.63 9.16 -19.26
N LEU A 519 4.25 9.60 -20.46
CA LEU A 519 5.11 9.46 -21.68
C LEU A 519 6.27 10.44 -21.54
N LYS A 520 6.01 11.63 -21.00
CA LYS A 520 7.08 12.61 -20.75
C LYS A 520 8.07 12.06 -19.71
N THR A 521 7.63 11.38 -18.64
CA THR A 521 8.58 10.95 -17.59
C THR A 521 9.35 9.73 -18.11
N ASN A 522 8.71 8.87 -18.92
CA ASN A 522 9.38 7.72 -19.57
C ASN A 522 10.44 8.27 -20.56
N GLN A 523 10.05 9.19 -21.45
CA GLN A 523 10.95 9.89 -22.41
C GLN A 523 12.16 10.42 -21.65
N THR A 524 11.93 11.19 -20.58
CA THR A 524 13.03 11.82 -19.80
C THR A 524 13.95 10.73 -19.17
N ILE A 525 13.44 9.65 -18.58
CA ILE A 525 14.34 8.67 -17.89
C ILE A 525 15.00 7.69 -18.90
N ARG A 526 14.50 7.59 -20.13
CA ARG A 526 15.18 6.75 -21.16
C ARG A 526 16.53 7.41 -21.48
N GLU A 527 16.51 8.71 -21.75
CA GLU A 527 17.71 9.59 -21.90
C GLU A 527 18.70 9.44 -20.73
N GLY A 528 18.22 9.10 -19.54
CA GLY A 528 19.06 8.89 -18.34
C GLY A 528 18.97 10.05 -17.36
N LYS A 529 18.06 10.99 -17.61
CA LYS A 529 17.84 12.18 -16.77
C LYS A 529 16.83 11.88 -15.66
N ASN A 530 17.01 12.53 -14.51
CA ASN A 530 16.08 12.52 -13.36
C ASN A 530 14.91 13.45 -13.66
N ILE A 531 13.73 13.08 -13.13
CA ILE A 531 12.48 13.87 -13.26
C ILE A 531 11.70 13.80 -11.93
N ILE A 532 10.92 14.85 -11.64
CA ILE A 532 10.00 14.92 -10.46
C ILE A 532 8.54 14.78 -10.93
N SER A 533 7.79 13.91 -10.26
CA SER A 533 6.31 13.84 -10.38
C SER A 533 5.71 14.52 -9.13
N VAL A 534 4.82 15.50 -9.40
CA VAL A 534 3.95 16.16 -8.39
C VAL A 534 2.53 15.66 -8.63
N THR A 535 2.04 14.75 -7.77
CA THR A 535 0.76 14.02 -7.99
C THR A 535 -0.18 14.08 -6.77
N GLY A 536 -1.42 13.61 -6.96
CA GLY A 536 -2.39 13.36 -5.91
C GLY A 536 -2.03 12.17 -5.05
N ASN A 537 -2.90 11.86 -4.10
CA ASN A 537 -2.69 10.88 -3.02
C ASN A 537 -2.62 9.48 -3.64
N VAL A 538 -3.39 9.21 -4.72
CA VAL A 538 -3.48 7.84 -5.31
C VAL A 538 -2.30 7.62 -6.25
N LEU A 539 -2.07 8.54 -7.17
CA LEU A 539 -0.86 8.50 -8.03
C LEU A 539 0.39 8.45 -7.14
N ARG A 540 0.40 9.11 -5.97
CA ARG A 540 1.56 9.03 -5.04
C ARG A 540 1.87 7.56 -4.80
N ASP A 541 0.83 6.78 -4.55
CA ASP A 541 0.94 5.34 -4.22
C ASP A 541 1.34 4.58 -5.48
N TYR A 542 0.57 4.73 -6.57
CA TYR A 542 0.68 3.94 -7.83
C TYR A 542 2.08 4.13 -8.43
N LEU A 543 2.51 5.38 -8.53
CA LEU A 543 3.78 5.79 -9.19
C LEU A 543 4.99 5.35 -8.39
N THR A 544 4.90 5.26 -7.06
CA THR A 544 6.08 4.91 -6.20
C THR A 544 6.13 3.38 -5.96
N ASP A 545 5.22 2.63 -6.56
CA ASP A 545 5.39 1.20 -6.89
C ASP A 545 5.88 1.09 -8.36
N LEU A 546 5.32 1.87 -9.29
CA LEU A 546 5.52 1.63 -10.74
C LEU A 546 6.97 1.86 -11.09
N TYR A 547 7.44 3.10 -10.94
CA TYR A 547 8.81 3.51 -11.33
C TYR A 547 9.84 2.80 -10.43
N PRO A 548 9.70 2.84 -9.10
CA PRO A 548 10.66 2.11 -8.25
C PRO A 548 10.78 0.60 -8.53
N ILE A 549 9.69 -0.11 -8.79
CA ILE A 549 9.77 -1.56 -9.18
C ILE A 549 10.57 -1.68 -10.50
N LEU A 550 10.25 -0.88 -11.50
CA LEU A 550 10.97 -0.90 -12.80
C LEU A 550 12.42 -0.50 -12.56
N GLU A 551 12.68 0.55 -11.77
CA GLU A 551 14.07 1.10 -11.66
C GLU A 551 14.91 0.47 -10.55
N LEU A 552 14.30 -0.23 -9.59
CA LEU A 552 15.07 -0.82 -8.44
C LEU A 552 14.64 -2.25 -8.11
N GLY A 553 13.58 -2.78 -8.71
CA GLY A 553 13.12 -4.16 -8.47
C GLY A 553 11.97 -4.24 -7.47
N THR A 554 12.09 -3.55 -6.32
CA THR A 554 11.02 -3.41 -5.29
C THR A 554 10.93 -1.93 -4.86
N SER A 555 9.74 -1.48 -4.47
CA SER A 555 9.51 -0.09 -4.01
C SER A 555 10.04 0.09 -2.58
N ALA A 556 10.39 -1.01 -1.91
CA ALA A 556 10.92 -1.05 -0.52
C ALA A 556 12.31 -0.40 -0.44
N LYS A 557 13.01 -0.16 -1.57
CA LYS A 557 14.39 0.41 -1.57
C LYS A 557 14.33 1.94 -1.75
N MET A 558 13.13 2.53 -1.76
CA MET A 558 12.92 4.00 -1.80
C MET A 558 13.08 4.67 -0.40
N LEU A 559 13.52 5.93 -0.39
CA LEU A 559 13.27 6.87 0.73
C LEU A 559 11.81 7.33 0.63
N SER A 560 11.18 7.54 1.80
CA SER A 560 9.78 7.98 1.94
C SER A 560 9.72 8.88 3.17
N ILE A 561 9.90 10.15 2.90
CA ILE A 561 9.99 11.22 3.92
C ILE A 561 8.67 11.98 3.97
N VAL A 562 8.07 12.05 5.16
CA VAL A 562 6.83 12.83 5.48
C VAL A 562 7.20 13.94 6.46
N PRO A 563 7.31 15.20 6.00
CA PRO A 563 7.59 16.32 6.90
C PRO A 563 6.23 16.75 7.41
N LEU A 564 5.92 16.38 8.64
CA LEU A 564 4.59 16.63 9.27
C LEU A 564 4.42 18.16 9.37
N LEU A 565 3.20 18.66 9.20
CA LEU A 565 2.90 20.11 9.14
C LEU A 565 3.24 20.79 10.47
N ASN A 566 3.19 20.09 11.61
CA ASN A 566 3.50 20.67 12.94
C ASN A 566 5.00 20.55 13.28
N GLY A 567 5.83 20.04 12.36
CA GLY A 567 7.30 20.12 12.45
C GLY A 567 8.00 18.83 12.82
N GLY A 568 7.23 17.76 13.07
CA GLY A 568 7.79 16.41 13.25
C GLY A 568 8.26 15.77 11.95
N GLY A 569 8.79 14.56 12.05
CA GLY A 569 9.17 13.70 10.92
C GLY A 569 8.61 12.30 11.05
N MET A 570 8.06 11.79 9.96
CA MET A 570 7.76 10.36 9.78
C MET A 570 8.52 9.88 8.54
N PHE A 571 9.28 8.79 8.71
CA PHE A 571 10.16 8.15 7.69
C PHE A 571 9.74 6.68 7.54
N GLU A 572 9.20 6.38 6.36
CA GLU A 572 8.56 5.08 6.03
C GLU A 572 9.61 4.18 5.40
N THR A 573 9.66 2.91 5.77
CA THR A 573 10.76 2.00 5.39
C THR A 573 10.50 1.49 3.97
N GLY A 574 10.45 2.46 3.03
CA GLY A 574 10.16 2.29 1.60
C GLY A 574 8.72 2.58 1.25
N ALA A 575 8.36 2.34 -0.02
CA ALA A 575 7.05 2.69 -0.61
C ALA A 575 6.23 1.44 -0.83
N GLY A 576 6.58 0.33 -0.18
CA GLY A 576 5.94 -0.99 -0.40
C GLY A 576 5.06 -1.42 0.78
N GLY A 577 4.55 -2.64 0.71
CA GLY A 577 3.67 -3.23 1.72
C GLY A 577 4.40 -4.27 2.55
N SER A 578 3.63 -5.16 3.17
CA SER A 578 4.08 -6.03 4.27
C SER A 578 4.47 -7.40 3.68
N ALA A 579 4.42 -7.50 2.34
CA ALA A 579 4.88 -8.64 1.50
C ALA A 579 4.47 -9.97 2.11
N PRO A 580 3.16 -10.31 2.15
CA PRO A 580 2.73 -11.59 2.71
C PRO A 580 3.47 -12.80 2.07
N LYS A 581 3.83 -12.72 0.79
CA LYS A 581 4.45 -13.89 0.12
C LYS A 581 5.75 -14.30 0.80
N HIS A 582 6.55 -13.33 1.23
CA HIS A 582 7.84 -13.56 1.95
C HIS A 582 7.57 -14.44 3.19
N VAL A 583 6.40 -14.28 3.83
CA VAL A 583 6.02 -15.03 5.04
C VAL A 583 5.82 -16.51 4.66
N GLU A 584 5.02 -16.80 3.64
CA GLU A 584 4.82 -18.18 3.14
C GLU A 584 6.16 -18.91 3.00
N GLN A 585 7.19 -18.24 2.49
CA GLN A 585 8.52 -18.87 2.24
C GLN A 585 9.29 -19.01 3.56
N LEU A 586 9.14 -18.07 4.48
CA LEU A 586 9.77 -18.21 5.82
C LEU A 586 9.17 -19.41 6.55
N VAL A 587 7.86 -19.57 6.57
CA VAL A 587 7.20 -20.72 7.24
C VAL A 587 7.71 -22.01 6.59
N SER A 588 7.57 -22.12 5.28
CA SER A 588 7.70 -23.42 4.57
C SER A 588 9.18 -23.86 4.52
N GLU A 589 10.14 -22.91 4.50
CA GLU A 589 11.57 -23.16 4.12
C GLU A 589 12.58 -22.42 5.00
N ASN A 590 12.14 -21.70 6.02
CA ASN A 590 13.01 -20.89 6.91
C ASN A 590 13.98 -20.03 6.10
N HIS A 591 13.49 -19.29 5.11
CA HIS A 591 14.25 -18.25 4.36
C HIS A 591 13.38 -17.00 4.17
N LEU A 592 13.80 -15.88 4.77
CA LEU A 592 13.09 -14.59 4.56
C LEU A 592 13.83 -13.79 3.50
N ARG A 593 13.21 -13.55 2.34
CA ARG A 593 13.86 -12.80 1.23
C ARG A 593 13.53 -11.31 1.34
N TRP A 594 12.79 -10.88 2.37
CA TRP A 594 12.57 -9.45 2.73
C TRP A 594 13.90 -8.68 2.77
N ASP A 595 14.04 -7.64 1.96
CA ASP A 595 15.17 -6.69 2.06
C ASP A 595 14.79 -5.59 3.05
N SER A 596 15.60 -5.39 4.08
CA SER A 596 15.47 -4.36 5.14
C SER A 596 16.14 -3.05 4.71
N LEU A 597 16.66 -2.95 3.50
CA LEU A 597 17.45 -1.75 3.08
C LEU A 597 16.65 -0.45 3.35
N GLY A 598 15.31 -0.50 3.28
CA GLY A 598 14.48 0.69 3.49
C GLY A 598 14.42 1.09 4.96
N GLU A 599 14.48 0.10 5.85
CA GLU A 599 14.62 0.29 7.31
C GLU A 599 15.95 1.00 7.64
N PHE A 600 17.07 0.54 7.05
CA PHE A 600 18.42 1.12 7.28
C PHE A 600 18.31 2.60 6.94
N MET A 601 17.72 2.88 5.80
CA MET A 601 17.71 4.24 5.23
C MET A 601 16.69 5.16 5.92
N ALA A 602 15.48 4.68 6.23
CA ALA A 602 14.56 5.35 7.17
C ALA A 602 15.35 5.77 8.42
N LEU A 603 16.15 4.85 8.99
CA LEU A 603 16.87 5.07 10.26
C LEU A 603 17.93 6.15 10.05
N ILE A 604 18.55 6.16 8.90
CA ILE A 604 19.54 7.24 8.64
C ILE A 604 18.78 8.56 8.76
N VAL A 605 17.63 8.73 8.10
CA VAL A 605 17.01 10.10 8.08
C VAL A 605 16.36 10.36 9.43
N SER A 606 15.87 9.32 10.10
CA SER A 606 15.30 9.49 11.47
C SER A 606 16.35 10.14 12.39
N LEU A 607 17.65 9.84 12.17
CA LEU A 607 18.78 10.25 13.04
C LEU A 607 19.15 11.68 12.66
N GLU A 608 19.23 11.96 11.36
CA GLU A 608 19.49 13.31 10.84
C GLU A 608 18.45 14.23 11.47
N HIS A 609 17.21 13.77 11.50
CA HIS A 609 16.06 14.54 12.02
C HIS A 609 16.23 14.77 13.53
N LEU A 610 16.51 13.72 14.31
CA LEU A 610 16.91 13.82 15.73
C LEU A 610 17.95 14.94 15.88
N GLY A 611 19.07 14.89 15.14
CA GLY A 611 20.03 16.00 14.98
C GLY A 611 20.94 16.23 16.18
N THR A 612 20.98 15.29 17.13
CA THR A 612 21.85 15.31 18.34
C THR A 612 23.31 15.10 17.86
N GLN A 613 24.32 15.53 18.62
CA GLN A 613 25.75 15.32 18.29
C GLN A 613 25.99 13.86 17.87
N ASN A 614 25.48 12.92 18.67
CA ASN A 614 25.63 11.46 18.47
C ASN A 614 24.71 10.99 17.34
N ALA A 615 23.54 11.58 17.17
CA ALA A 615 22.61 11.17 16.10
C ALA A 615 23.26 11.45 14.74
N LYS A 616 24.05 12.53 14.65
CA LYS A 616 24.66 12.95 13.36
C LYS A 616 25.86 12.05 13.08
N ILE A 617 26.60 11.72 14.13
CA ILE A 617 27.73 10.75 14.04
C ILE A 617 27.17 9.39 13.59
N LEU A 618 26.09 8.87 14.20
CA LEU A 618 25.57 7.53 13.80
C LEU A 618 24.94 7.57 12.39
N ALA A 619 24.27 8.69 12.01
CA ALA A 619 23.69 8.90 10.66
C ALA A 619 24.77 8.81 9.57
N LYS A 620 25.77 9.69 9.64
CA LYS A 620 26.86 9.79 8.63
C LYS A 620 27.59 8.44 8.48
N ALA A 621 27.83 7.72 9.60
CA ALA A 621 28.50 6.40 9.64
C ALA A 621 27.58 5.31 9.08
N LEU A 622 26.28 5.39 9.35
CA LEU A 622 25.32 4.34 8.89
C LEU A 622 25.21 4.48 7.37
N ASP A 623 25.26 5.73 6.89
CA ASP A 623 25.19 6.05 5.46
C ASP A 623 26.37 5.38 4.76
N LYS A 624 27.57 5.63 5.24
CA LYS A 624 28.80 4.93 4.79
C LYS A 624 28.60 3.42 4.89
N ALA A 625 28.05 2.91 5.98
CA ALA A 625 27.85 1.44 6.17
C ALA A 625 26.93 0.88 5.08
N VAL A 626 25.92 1.64 4.68
CA VAL A 626 24.86 1.17 3.74
C VAL A 626 25.50 1.18 2.35
N SER A 627 26.30 2.21 2.05
CA SER A 627 27.13 2.30 0.81
C SER A 627 27.99 1.05 0.66
N ARG A 628 28.67 0.64 1.75
CA ARG A 628 29.54 -0.57 1.79
CA ARG A 628 29.55 -0.56 1.75
C ARG A 628 28.65 -1.79 1.58
N PHE A 629 27.55 -1.85 2.31
CA PHE A 629 26.50 -2.90 2.18
C PHE A 629 26.13 -3.11 0.71
N LEU A 630 25.87 -2.04 -0.06
CA LEU A 630 25.46 -2.09 -1.49
C LEU A 630 26.66 -2.42 -2.41
N LYS A 631 27.82 -1.80 -2.20
CA LYS A 631 29.07 -2.16 -2.91
C LYS A 631 29.33 -3.67 -2.76
N GLU A 632 29.27 -4.19 -1.54
CA GLU A 632 29.57 -5.61 -1.30
C GLU A 632 28.35 -6.47 -1.61
N ASP A 633 27.28 -5.88 -2.12
CA ASP A 633 26.03 -6.58 -2.50
C ASP A 633 25.60 -7.56 -1.40
N LYS A 634 25.09 -7.05 -0.28
CA LYS A 634 24.72 -7.91 0.85
C LYS A 634 23.21 -8.15 0.92
N SER A 635 22.43 -7.34 0.20
CA SER A 635 20.98 -7.54 0.00
C SER A 635 20.64 -9.03 0.04
N PRO A 636 19.52 -9.47 0.67
CA PRO A 636 19.17 -10.88 0.75
C PRO A 636 19.01 -11.53 -0.62
N LYS A 637 19.10 -12.85 -0.68
CA LYS A 637 18.83 -13.66 -1.90
C LYS A 637 17.43 -14.28 -1.76
N ARG A 638 16.97 -15.07 -2.73
CA ARG A 638 15.56 -15.48 -2.84
C ARG A 638 15.39 -16.96 -2.52
N ARG A 639 16.36 -17.79 -2.86
CA ARG A 639 16.23 -19.27 -2.77
C ARG A 639 16.72 -19.71 -1.40
N ALA A 640 16.05 -20.69 -0.80
CA ALA A 640 16.49 -21.31 0.47
C ALA A 640 17.90 -21.81 0.25
N GLY A 641 18.72 -21.78 1.30
CA GLY A 641 20.13 -22.24 1.27
C GLY A 641 21.04 -21.12 0.84
N GLU A 642 20.48 -19.97 0.46
CA GLU A 642 21.28 -18.75 0.21
C GLU A 642 21.03 -17.74 1.34
N PRO A 643 22.01 -16.81 1.56
CA PRO A 643 21.91 -15.80 2.61
C PRO A 643 20.66 -14.91 2.51
N ASP A 644 20.03 -14.65 3.65
CA ASP A 644 18.69 -14.03 3.70
C ASP A 644 18.72 -12.75 4.55
N ASN A 645 17.53 -12.36 5.03
CA ASN A 645 17.27 -11.10 5.76
C ASN A 645 18.22 -11.06 6.96
N ARG A 646 18.27 -12.14 7.73
CA ARG A 646 19.10 -12.27 8.96
C ARG A 646 20.59 -12.03 8.65
N ASN A 647 21.14 -12.65 7.60
CA ASN A 647 22.54 -12.44 7.16
C ASN A 647 22.74 -10.95 6.86
N SER A 648 21.75 -10.30 6.20
CA SER A 648 21.98 -8.90 5.76
C SER A 648 22.00 -8.00 7.00
N HIS A 649 21.16 -8.30 8.00
CA HIS A 649 21.22 -7.59 9.30
C HIS A 649 22.63 -7.71 9.86
N PHE A 650 23.20 -8.93 9.89
CA PHE A 650 24.60 -9.14 10.36
C PHE A 650 25.57 -8.22 9.59
N TYR A 651 25.53 -8.22 8.25
CA TYR A 651 26.54 -7.45 7.48
C TYR A 651 26.37 -5.95 7.75
N LEU A 652 25.13 -5.47 7.93
CA LEU A 652 24.97 -4.03 8.24
C LEU A 652 25.58 -3.73 9.62
N ALA A 653 25.30 -4.57 10.62
CA ALA A 653 25.88 -4.48 11.98
C ALA A 653 27.40 -4.37 11.89
N MET A 654 28.05 -5.36 11.26
CA MET A 654 29.53 -5.39 11.12
C MET A 654 30.02 -4.08 10.50
N TYR A 655 29.37 -3.61 9.41
CA TYR A 655 29.80 -2.44 8.62
C TYR A 655 29.57 -1.17 9.43
N PHE A 656 28.40 -1.05 10.06
CA PHE A 656 28.03 0.08 10.94
C PHE A 656 29.09 0.22 12.06
N ALA A 657 29.31 -0.86 12.83
CA ALA A 657 30.31 -0.90 13.93
C ALA A 657 31.67 -0.45 13.40
N ASP A 658 32.14 -1.09 12.33
CA ASP A 658 33.45 -0.74 11.71
C ASP A 658 33.45 0.79 11.54
N GLU A 659 32.45 1.34 10.84
CA GLU A 659 32.47 2.75 10.41
C GLU A 659 32.50 3.66 11.65
N LEU A 660 31.94 3.20 12.76
CA LEU A 660 31.87 4.00 14.02
C LEU A 660 33.24 4.02 14.72
N THR A 661 34.15 3.06 14.49
CA THR A 661 35.50 3.05 15.12
C THR A 661 36.38 4.19 14.56
N LYS A 662 36.08 4.67 13.34
CA LYS A 662 36.79 5.79 12.70
C LYS A 662 36.33 7.14 13.26
N THR A 663 35.24 7.19 14.02
CA THR A 663 34.58 8.48 14.45
C THR A 663 34.91 8.83 15.89
N GLU A 664 34.49 10.01 16.35
CA GLU A 664 34.66 10.44 17.76
C GLU A 664 34.07 9.42 18.75
N LEU A 665 33.24 8.45 18.33
CA LEU A 665 32.59 7.49 19.27
C LEU A 665 33.33 6.16 19.34
N GLY A 666 34.48 6.05 18.65
CA GLY A 666 35.23 4.81 18.39
C GLY A 666 35.37 3.88 19.59
N ASN A 667 35.92 4.34 20.71
CA ASN A 667 36.16 3.53 21.95
C ASN A 667 34.89 2.73 22.30
N ILE A 668 33.72 3.38 22.16
CA ILE A 668 32.40 2.81 22.52
C ILE A 668 32.11 1.55 21.65
N TYR A 669 32.53 1.55 20.38
CA TYR A 669 32.07 0.58 19.33
C TYR A 669 33.19 -0.42 18.96
N SER A 670 34.41 -0.16 19.43
CA SER A 670 35.64 -0.91 19.10
C SER A 670 35.47 -2.42 19.35
N ASP A 671 34.93 -2.82 20.51
CA ASP A 671 34.73 -4.25 20.88
C ASP A 671 33.68 -4.90 19.99
N LEU A 672 32.59 -4.18 19.68
CA LEU A 672 31.49 -4.66 18.80
C LEU A 672 32.03 -4.84 17.37
N ALA A 673 32.74 -3.84 16.84
CA ALA A 673 33.38 -3.92 15.51
C ALA A 673 34.26 -5.19 15.41
N LEU A 674 35.16 -5.40 16.37
CA LEU A 674 36.12 -6.54 16.43
C LEU A 674 35.36 -7.86 16.62
N ASN A 675 34.41 -7.91 17.54
CA ASN A 675 33.67 -9.17 17.87
C ASN A 675 32.90 -9.64 16.62
N LEU A 676 32.37 -8.72 15.81
CA LEU A 676 31.53 -9.08 14.63
C LEU A 676 32.45 -9.44 13.46
N LYS A 677 33.56 -8.72 13.28
CA LYS A 677 34.58 -9.06 12.26
C LYS A 677 35.14 -10.47 12.54
N ASN A 678 35.53 -10.76 13.78
CA ASN A 678 36.21 -12.02 14.17
C ASN A 678 35.21 -13.19 14.14
N ASN A 679 33.90 -12.93 14.10
CA ASN A 679 32.89 -14.01 14.12
C ASN A 679 32.09 -14.02 12.81
N GLU A 680 32.61 -13.38 11.76
CA GLU A 680 31.92 -13.24 10.43
C GLU A 680 31.49 -14.62 9.92
N ALA A 681 32.43 -15.54 9.77
CA ALA A 681 32.22 -16.89 9.19
C ALA A 681 31.34 -17.73 10.13
N LYS A 682 31.59 -17.67 11.44
CA LYS A 682 30.90 -18.51 12.45
C LYS A 682 29.44 -18.09 12.49
N ILE A 683 29.21 -16.78 12.57
CA ILE A 683 27.85 -16.15 12.58
C ILE A 683 27.12 -16.47 11.28
N ASN A 684 27.74 -16.29 10.12
CA ASN A 684 27.05 -16.50 8.80
C ASN A 684 26.60 -17.94 8.70
N ASP A 685 27.39 -18.88 9.25
CA ASP A 685 27.12 -20.35 9.20
C ASP A 685 25.97 -20.65 10.16
N GLU A 686 25.98 -20.06 11.36
CA GLU A 686 24.88 -20.24 12.36
C GLU A 686 23.54 -19.86 11.70
N LEU A 687 23.49 -18.76 10.92
CA LEU A 687 22.24 -18.20 10.29
C LEU A 687 21.83 -19.04 9.07
N LEU A 688 22.75 -19.30 8.13
CA LEU A 688 22.46 -20.15 6.95
C LEU A 688 21.90 -21.49 7.39
N SER A 689 22.60 -22.18 8.31
CA SER A 689 22.46 -23.65 8.55
C SER A 689 21.07 -23.99 9.08
N VAL A 690 20.31 -23.02 9.63
CA VAL A 690 18.89 -23.24 10.06
C VAL A 690 17.94 -23.24 8.84
N GLN A 691 18.38 -22.78 7.66
CA GLN A 691 17.51 -22.67 6.46
C GLN A 691 17.21 -24.05 5.88
N GLY A 692 16.07 -24.18 5.19
CA GLY A 692 15.66 -25.39 4.44
C GLY A 692 14.70 -26.28 5.22
N LYS A 693 14.19 -25.84 6.38
CA LYS A 693 13.13 -26.58 7.13
C LYS A 693 11.93 -25.65 7.30
N SER A 694 10.75 -26.22 7.54
CA SER A 694 9.54 -25.44 7.88
C SER A 694 9.66 -25.05 9.35
N VAL A 695 8.95 -24.02 9.77
CA VAL A 695 9.17 -23.34 11.08
C VAL A 695 7.80 -23.09 11.75
N ASP A 696 7.76 -23.13 13.08
CA ASP A 696 6.55 -22.86 13.87
C ASP A 696 6.77 -21.56 14.64
N LEU A 697 6.12 -20.49 14.17
CA LEU A 697 6.13 -19.10 14.70
C LEU A 697 5.06 -18.91 15.77
N GLY A 698 4.15 -19.87 15.95
CA GLY A 698 3.14 -19.84 17.02
C GLY A 698 1.97 -18.96 16.64
N GLY A 699 1.83 -18.68 15.34
CA GLY A 699 0.79 -17.75 14.82
C GLY A 699 1.19 -17.11 13.50
N TYR A 700 0.38 -16.14 13.01
CA TYR A 700 0.61 -15.43 11.72
C TYR A 700 0.38 -13.92 11.90
N TYR A 701 -0.82 -13.53 12.35
CA TYR A 701 -1.20 -12.14 12.74
C TYR A 701 -0.61 -11.77 14.12
N LYS A 702 -0.53 -12.71 15.06
CA LYS A 702 0.13 -12.50 16.37
C LYS A 702 1.07 -13.67 16.64
N PHE A 703 2.38 -13.43 16.61
CA PHE A 703 3.39 -14.49 16.86
C PHE A 703 3.50 -14.76 18.36
N ASP A 704 3.81 -16.01 18.68
CA ASP A 704 4.48 -16.40 19.94
C ASP A 704 5.88 -15.75 19.90
N ASP A 705 6.15 -14.80 20.79
CA ASP A 705 7.38 -13.98 20.76
C ASP A 705 8.61 -14.90 20.94
N GLU A 706 8.51 -15.90 21.81
CA GLU A 706 9.62 -16.85 22.10
C GLU A 706 10.04 -17.52 20.77
N LYS A 707 9.07 -18.09 20.03
CA LYS A 707 9.34 -18.87 18.78
C LYS A 707 9.83 -17.94 17.67
N ALA A 708 9.19 -16.79 17.51
CA ALA A 708 9.56 -15.78 16.48
C ALA A 708 11.01 -15.34 16.69
N SER A 709 11.44 -15.03 17.92
CA SER A 709 12.85 -14.65 18.21
C SER A 709 13.77 -15.87 18.00
N LEU A 710 13.34 -17.09 18.34
CA LEU A 710 14.22 -18.27 18.09
C LEU A 710 14.41 -18.45 16.59
N VAL A 711 13.35 -18.27 15.80
CA VAL A 711 13.48 -18.38 14.31
C VAL A 711 14.24 -17.19 13.74
N MET A 712 13.94 -15.97 14.16
CA MET A 712 14.60 -14.79 13.53
C MET A 712 15.96 -14.53 14.17
N ARG A 713 16.25 -15.06 15.35
CA ARG A 713 17.53 -14.79 16.07
C ARG A 713 18.23 -16.11 16.41
N PRO A 714 18.59 -16.94 15.40
CA PRO A 714 18.97 -18.33 15.65
C PRO A 714 20.47 -18.54 15.81
N SER A 715 21.26 -17.45 15.90
CA SER A 715 22.74 -17.43 16.00
C SER A 715 23.18 -17.00 17.41
N LYS A 716 23.57 -17.99 18.23
CA LYS A 716 23.94 -17.82 19.67
C LYS A 716 25.03 -16.75 19.78
N THR A 717 26.00 -16.75 18.87
CA THR A 717 27.24 -15.93 19.00
C THR A 717 26.94 -14.50 18.53
N LEU A 718 26.04 -14.32 17.54
CA LEU A 718 25.54 -12.96 17.22
C LEU A 718 24.73 -12.46 18.42
N ASN A 719 23.78 -13.27 18.90
CA ASN A 719 22.91 -12.96 20.07
C ASN A 719 23.75 -12.53 21.30
N ASP A 720 24.89 -13.19 21.55
CA ASP A 720 25.75 -12.94 22.75
C ASP A 720 26.49 -11.63 22.59
N ILE A 721 26.74 -11.20 21.35
CA ILE A 721 27.37 -9.89 20.97
C ILE A 721 26.31 -8.79 21.10
N ILE A 722 25.08 -9.06 20.61
CA ILE A 722 23.99 -8.05 20.45
C ILE A 722 23.29 -7.84 21.80
N ASN A 723 22.96 -8.90 22.54
CA ASN A 723 22.58 -8.77 23.97
C ASN A 723 23.71 -9.33 24.85
PA NAP B . 3.71 -5.74 -1.27
O1A NAP B . 3.85 -6.21 0.18
O2A NAP B . 4.45 -4.43 -1.37
O5B NAP B . 4.14 -6.65 -2.51
C5B NAP B . 5.10 -7.51 -2.16
C4B NAP B . 5.97 -7.94 -3.36
O4B NAP B . 6.85 -6.75 -3.79
C3B NAP B . 6.70 -8.81 -2.71
O3B NAP B . 6.14 -10.18 -3.00
C2B NAP B . 8.20 -8.47 -3.15
O2B NAP B . 8.26 -9.18 -4.35
C1B NAP B . 8.28 -7.17 -3.41
N9A NAP B . 8.64 -6.46 -2.13
C8A NAP B . 7.88 -5.68 -1.35
N7A NAP B . 8.59 -5.29 -0.26
C5A NAP B . 9.80 -5.86 -0.37
C6A NAP B . 11.04 -5.81 0.52
N6A NAP B . 11.07 -5.02 1.79
N1A NAP B . 12.22 -6.53 0.07
C2A NAP B . 12.23 -7.28 -1.13
N3A NAP B . 11.06 -7.32 -1.95
C4A NAP B . 9.84 -6.58 -1.51
O3 NAP B . 2.28 -5.34 -1.88
PN NAP B . 0.74 -5.80 -1.65
O1N NAP B . 0.42 -7.24 -1.91
O2N NAP B . 0.07 -4.72 -2.49
O5D NAP B . 0.34 -5.36 -0.10
C5D NAP B . 0.63 -6.35 0.87
C4D NAP B . 0.18 -5.79 2.22
O4D NAP B . 0.85 -4.75 2.46
C3D NAP B . -1.42 -5.39 2.23
O3D NAP B . -1.87 -5.86 3.47
C2D NAP B . -1.46 -4.08 2.08
O2D NAP B . -2.65 -3.45 2.74
C1D NAP B . -0.17 -3.62 2.75
N1N NAP B . 0.41 -2.47 2.31
C2N NAP B . 0.84 -1.48 3.29
C3N NAP B . 1.52 -0.19 2.89
C7N NAP B . 1.96 0.80 3.91
O7N NAP B . 2.61 1.75 3.67
N7N NAP B . 1.49 0.51 5.22
C4N NAP B . 1.81 0.08 1.49
C5N NAP B . 1.36 -0.94 0.52
C6N NAP B . 0.66 -2.20 0.90
P2B NAP B . 8.68 -10.75 -4.47
O1X NAP B . 7.55 -11.69 -4.20
O2X NAP B . 9.07 -10.78 -5.91
O3X NAP B . 9.81 -11.06 -3.55
MN MN C . 2.43 -2.31 -2.25
S SO4 D . 1.21 3.66 0.19
O1 SO4 D . 0.55 2.38 -0.05
O2 SO4 D . 2.25 3.51 1.18
O3 SO4 D . 0.24 4.63 0.63
O4 SO4 D . 1.80 4.15 -1.01
S SO4 E . 21.27 11.39 -2.31
O1 SO4 E . 20.46 10.90 -3.38
O2 SO4 E . 21.75 10.27 -1.54
O3 SO4 E . 20.49 12.29 -1.50
O4 SO4 E . 22.38 12.08 -2.86
S SO4 F . -18.12 29.88 -2.10
O1 SO4 F . -19.24 29.35 -1.32
O2 SO4 F . -16.99 29.02 -1.97
O3 SO4 F . -18.49 29.93 -3.50
O4 SO4 F . -17.76 31.18 -1.60
S SO4 G . -3.67 20.60 13.51
O1 SO4 G . -4.47 20.16 14.63
O2 SO4 G . -3.39 19.47 12.67
O3 SO4 G . -4.41 21.60 12.75
O4 SO4 G . -2.43 21.13 14.01
S SO4 H . -13.15 5.81 8.13
O1 SO4 H . -14.47 5.30 7.86
O2 SO4 H . -12.15 4.86 7.73
O3 SO4 H . -13.02 6.07 9.54
O4 SO4 H . -12.92 7.03 7.38
O1 PG4 I . 5.58 -10.25 -7.26
C1 PG4 I . 4.46 -10.12 -6.41
C2 PG4 I . 3.59 -8.97 -6.81
O2 PG4 I . 2.42 -8.94 -6.00
C3 PG4 I . 1.23 -9.18 -6.74
C4 PG4 I . 0.45 -10.28 -6.08
O3 PG4 I . -0.14 -11.11 -7.08
C5 PG4 I . 0.09 -12.49 -6.85
C6 PG4 I . 0.40 -13.17 -8.14
O4 PG4 I . 1.22 -14.31 -7.90
C7 PG4 I . 2.36 -14.37 -8.75
C8 PG4 I . 3.60 -14.14 -7.96
O5 PG4 I . 4.32 -15.33 -7.73
O1 PG4 J . -19.78 -1.99 6.54
C1 PG4 J . -18.53 -1.76 7.17
C2 PG4 J . -17.83 -3.03 7.52
O2 PG4 J . -17.76 -3.87 6.38
C3 PG4 J . -17.11 -3.25 5.27
C4 PG4 J . -16.40 -4.28 4.45
O3 PG4 J . -17.22 -4.69 3.37
C5 PG4 J . -17.44 -3.65 2.42
C6 PG4 J . -18.85 -3.73 1.91
O4 PG4 J . -19.23 -2.45 1.39
C7 PG4 J . -20.35 -1.89 2.08
C8 PG4 J . -21.62 -2.32 1.41
O5 PG4 J . -22.74 -1.64 1.92
C1 EDO K . 19.34 -14.06 -5.93
O1 EDO K . 18.60 -12.91 -6.26
C2 EDO K . 18.56 -15.28 -6.13
O2 EDO K . 18.93 -16.28 -5.21
C1 EDO L . 14.08 -10.49 -8.85
O1 EDO L . 12.94 -10.22 -9.63
C2 EDO L . 14.68 -9.26 -8.29
O2 EDO L . 13.69 -8.30 -7.96
C1 EDO M . -2.53 0.53 1.47
O1 EDO M . -3.16 1.62 2.16
C2 EDO M . -3.32 -0.72 1.53
O2 EDO M . -3.23 -1.61 0.41
#